data_3QJ4
#
_entry.id   3QJ4
#
_cell.length_a   53.837
_cell.length_b   86.593
_cell.length_c   93.180
_cell.angle_alpha   90.00
_cell.angle_beta   95.30
_cell.angle_gamma   90.00
#
_symmetry.space_group_name_H-M   'P 1 21 1'
#
loop_
_entity.id
_entity.type
_entity.pdbx_description
1 polymer Renalase
2 non-polymer 'FLAVIN-ADENINE DINUCLEOTIDE'
3 non-polymer 'SULFATE ION'
4 water water
#
_entity_poly.entity_id   1
_entity_poly.type   'polypeptide(L)'
_entity_poly.pdbx_seq_one_letter_code
;MAQVLIVGAGMTGSLCAALLRRQTSGPLYLAVWDKADDSGGRMTTACSPHNPQCTADLGAQYITCTPHYAKKHQRFYDEL
LAYGVLRPLSSPIEGMVMKEGDCNFVAPQGISSIIKHYLKESGAEVYFRHRVTQINLRDDKWEVSKQTGSPEQFDLIVLT
MPVPEILQLQGDITTLISECQRQQLEAVSYSSRYALGLFYEAGTKIDVPWAGQYITSNPCIRFVSIDNKKRNIESSEIGP
SLVIHTTVPFGVTYLEHSIEDVQELVFQQLENILPGLPQPIATKCQKWRHSQVTNAAANCPGQMTLHHKPFLACGGDGFT
QSNFDGCITSALCVLEALKNYI
;
_entity_poly.pdbx_strand_id   A,B
#
# COMPACT_ATOMS: atom_id res chain seq x y z
N MET A 1 -4.47 8.11 -33.22
CA MET A 1 -4.30 7.12 -34.27
C MET A 1 -4.60 5.71 -33.72
N ALA A 2 -4.08 5.41 -32.51
CA ALA A 2 -4.30 4.15 -31.81
C ALA A 2 -5.76 3.96 -31.41
N GLN A 3 -6.35 2.81 -31.80
CA GLN A 3 -7.72 2.40 -31.52
C GLN A 3 -7.68 1.31 -30.44
N VAL A 4 -8.15 1.64 -29.23
CA VAL A 4 -8.15 0.73 -28.09
C VAL A 4 -9.58 0.35 -27.74
N LEU A 5 -9.83 -0.98 -27.60
CA LEU A 5 -11.14 -1.51 -27.23
C LEU A 5 -11.12 -2.15 -25.84
N ILE A 6 -12.07 -1.75 -25.00
CA ILE A 6 -12.23 -2.33 -23.66
C ILE A 6 -13.56 -3.06 -23.64
N VAL A 7 -13.51 -4.38 -23.46
CA VAL A 7 -14.72 -5.20 -23.46
C VAL A 7 -15.18 -5.44 -22.02
N GLY A 8 -16.32 -4.85 -21.68
CA GLY A 8 -16.93 -4.91 -20.36
C GLY A 8 -16.92 -3.57 -19.68
N ALA A 9 -18.12 -3.00 -19.41
CA ALA A 9 -18.23 -1.71 -18.70
C ALA A 9 -18.53 -2.01 -17.23
N GLY A 10 -17.59 -2.72 -16.60
CA GLY A 10 -17.63 -3.10 -15.21
C GLY A 10 -16.62 -2.29 -14.42
N MET A 11 -16.23 -2.79 -13.24
CA MET A 11 -15.28 -2.14 -12.35
C MET A 11 -13.86 -2.12 -12.94
N THR A 12 -13.35 -3.28 -13.37
CA THR A 12 -12.02 -3.42 -13.97
C THR A 12 -11.87 -2.60 -15.27
N GLY A 13 -12.85 -2.72 -16.18
CA GLY A 13 -12.87 -2.05 -17.47
C GLY A 13 -12.94 -0.53 -17.44
N SER A 14 -13.82 0.03 -16.58
CA SER A 14 -13.97 1.48 -16.46
C SER A 14 -12.71 2.12 -15.86
N LEU A 15 -12.05 1.40 -14.92
CA LEU A 15 -10.81 1.84 -14.29
C LEU A 15 -9.63 1.74 -15.25
N CYS A 16 -9.58 0.68 -16.11
CA CYS A 16 -8.56 0.48 -17.15
C CYS A 16 -8.63 1.68 -18.11
N ALA A 17 -9.85 2.06 -18.53
CA ALA A 17 -10.16 3.19 -19.40
C ALA A 17 -9.71 4.53 -18.81
N ALA A 18 -9.99 4.74 -17.51
CA ALA A 18 -9.62 5.95 -16.76
C ALA A 18 -8.12 6.04 -16.55
N LEU A 19 -7.46 4.89 -16.29
CA LEU A 19 -6.01 4.82 -16.11
C LEU A 19 -5.25 4.99 -17.43
N LEU A 20 -5.86 4.55 -18.56
CA LEU A 20 -5.26 4.67 -19.89
C LEU A 20 -5.25 6.12 -20.36
N ARG A 21 -6.28 6.91 -19.96
CA ARG A 21 -6.39 8.33 -20.31
C ARG A 21 -5.17 9.10 -19.75
N ARG A 22 -4.71 8.70 -18.55
CA ARG A 22 -3.49 9.19 -17.91
C ARG A 22 -2.32 8.36 -18.47
N GLN A 23 -1.07 8.87 -18.34
CA GLN A 23 0.16 8.19 -18.80
C GLN A 23 0.22 7.94 -20.33
N THR A 24 -0.24 8.92 -21.15
CA THR A 24 -0.23 8.88 -22.61
C THR A 24 0.10 10.25 -23.20
N GLY A 26 -2.18 11.86 -25.06
CA GLY A 26 -2.39 10.72 -25.95
C GLY A 26 -1.50 10.79 -27.16
N PRO A 27 -2.05 10.75 -28.40
CA PRO A 27 -3.47 10.65 -28.77
C PRO A 27 -4.00 9.24 -29.03
N LEU A 28 -5.23 8.94 -28.54
CA LEU A 28 -5.87 7.65 -28.74
C LEU A 28 -7.40 7.68 -28.76
N TYR A 29 -8.02 6.70 -29.46
CA TYR A 29 -9.47 6.53 -29.52
C TYR A 29 -9.83 5.40 -28.55
N LEU A 30 -10.67 5.72 -27.55
CA LEU A 30 -11.12 4.79 -26.52
C LEU A 30 -12.56 4.32 -26.71
N ALA A 31 -12.74 3.04 -27.00
CA ALA A 31 -14.07 2.45 -27.12
C ALA A 31 -14.32 1.44 -26.00
N VAL A 32 -15.51 1.50 -25.40
CA VAL A 32 -15.93 0.59 -24.34
C VAL A 32 -17.22 -0.09 -24.84
N TRP A 33 -17.21 -1.44 -24.88
CA TRP A 33 -18.34 -2.25 -25.33
C TRP A 33 -18.88 -3.11 -24.19
N ASP A 34 -20.22 -3.13 -24.01
CA ASP A 34 -20.86 -4.00 -23.02
C ASP A 34 -22.12 -4.61 -23.64
N LYS A 35 -22.36 -5.91 -23.37
CA LYS A 35 -23.52 -6.67 -23.88
C LYS A 35 -24.84 -6.24 -23.22
N ALA A 36 -24.77 -5.59 -22.05
CA ALA A 36 -25.94 -5.13 -21.28
C ALA A 36 -26.47 -3.78 -21.78
N ASP A 37 -27.66 -3.39 -21.30
CA ASP A 37 -28.33 -2.14 -21.63
C ASP A 37 -27.64 -0.95 -20.94
N ASP A 38 -27.02 -1.20 -19.77
CA ASP A 38 -26.32 -0.18 -18.97
C ASP A 38 -24.98 -0.73 -18.43
N SER A 39 -24.18 0.12 -17.75
CA SER A 39 -22.87 -0.22 -17.19
C SER A 39 -23.01 -0.75 -15.75
N GLY A 40 -21.88 -1.15 -15.16
CA GLY A 40 -21.84 -1.64 -13.79
C GLY A 40 -21.33 -3.05 -13.59
N GLY A 41 -21.83 -3.98 -14.41
CA GLY A 41 -21.48 -5.40 -14.33
C GLY A 41 -22.10 -6.03 -13.09
N ARG A 42 -21.25 -6.49 -12.16
CA ARG A 42 -21.72 -7.08 -10.90
C ARG A 42 -21.85 -6.01 -9.80
N MET A 43 -21.72 -4.78 -10.21
CA MET A 43 -21.88 -3.60 -9.39
C MET A 43 -23.07 -2.77 -9.84
N THR A 44 -24.03 -3.38 -10.47
CA THR A 44 -25.17 -2.66 -10.96
C THR A 44 -26.11 -2.12 -9.89
N THR A 45 -26.88 -1.12 -10.25
CA THR A 45 -27.94 -0.58 -9.44
C THR A 45 -29.24 -0.58 -10.23
N ALA A 46 -30.28 -1.18 -9.71
CA ALA A 46 -31.54 -1.19 -10.36
C ALA A 46 -32.37 -0.08 -9.83
N CYS A 47 -33.16 0.52 -10.71
CA CYS A 47 -34.01 1.63 -10.35
C CYS A 47 -35.42 1.19 -10.52
N SER A 48 -36.29 1.70 -9.66
CA SER A 48 -37.72 1.42 -9.71
C SER A 48 -38.43 2.08 -10.89
N PRO A 49 -39.35 1.38 -11.51
CA PRO A 49 -40.09 1.95 -12.62
C PRO A 49 -40.91 3.12 -12.15
N HIS A 50 -41.46 2.94 -10.96
CA HIS A 50 -42.33 3.95 -10.34
C HIS A 50 -41.62 5.29 -10.09
N ASN A 51 -40.30 5.24 -9.78
CA ASN A 51 -39.47 6.41 -9.47
C ASN A 51 -37.98 6.08 -9.70
N PRO A 52 -37.24 6.89 -10.50
CA PRO A 52 -35.80 6.61 -10.74
C PRO A 52 -34.91 6.91 -9.53
N GLN A 53 -35.50 7.54 -8.48
CA GLN A 53 -34.83 7.90 -7.23
C GLN A 53 -34.80 6.72 -6.24
N CYS A 54 -35.74 5.76 -6.40
CA CYS A 54 -35.84 4.53 -5.59
C CYS A 54 -34.88 3.53 -6.25
N THR A 55 -33.73 3.32 -5.59
CA THR A 55 -32.59 2.56 -6.08
C THR A 55 -32.16 1.38 -5.17
N ALA A 56 -31.68 0.29 -5.80
CA ALA A 56 -31.21 -0.92 -5.12
C ALA A 56 -29.97 -1.48 -5.79
N ASP A 57 -28.95 -1.81 -4.99
CA ASP A 57 -27.70 -2.40 -5.50
C ASP A 57 -27.89 -3.92 -5.51
N LEU A 58 -28.01 -4.52 -6.71
CA LEU A 58 -28.22 -5.97 -6.83
C LEU A 58 -26.98 -6.85 -6.63
N GLY A 59 -25.82 -6.33 -7.02
CA GLY A 59 -24.56 -7.05 -6.88
C GLY A 59 -23.82 -6.62 -5.63
N ALA A 60 -22.65 -5.96 -5.78
CA ALA A 60 -21.83 -5.48 -4.66
C ALA A 60 -22.59 -4.52 -3.74
N GLN A 61 -22.43 -4.70 -2.41
CA GLN A 61 -23.11 -3.93 -1.38
C GLN A 61 -22.31 -2.77 -0.80
N TYR A 62 -21.08 -3.03 -0.32
CA TYR A 62 -20.24 -2.00 0.25
C TYR A 62 -18.77 -2.26 -0.01
N ILE A 63 -17.93 -1.22 0.10
CA ILE A 63 -16.48 -1.31 -0.12
C ILE A 63 -15.71 -1.45 1.21
N THR A 64 -15.19 -2.66 1.45
CA THR A 64 -14.41 -3.03 2.63
C THR A 64 -12.94 -2.71 2.37
N CYS A 65 -12.39 -1.77 3.14
CA CYS A 65 -11.01 -1.35 2.98
C CYS A 65 -10.13 -1.90 4.10
N THR A 66 -9.27 -2.88 3.76
CA THR A 66 -8.36 -3.50 4.72
C THR A 66 -7.16 -2.58 5.00
N PRO A 67 -6.54 -2.64 6.20
CA PRO A 67 -5.37 -1.77 6.48
C PRO A 67 -4.17 -1.92 5.53
N HIS A 68 -4.14 -2.98 4.70
CA HIS A 68 -3.06 -3.16 3.73
C HIS A 68 -3.30 -2.36 2.46
N TYR A 69 -4.50 -2.50 1.84
CA TYR A 69 -4.83 -1.81 0.59
C TYR A 69 -5.11 -0.30 0.69
N ALA A 70 -4.80 0.25 1.85
CA ALA A 70 -4.79 1.66 2.23
C ALA A 70 -3.64 1.70 3.23
N LYS A 71 -2.51 2.37 2.92
CA LYS A 71 -2.27 3.29 1.82
C LYS A 71 -1.75 2.73 0.48
N LYS A 72 -1.93 1.43 0.20
CA LYS A 72 -1.48 0.90 -1.10
C LYS A 72 -2.28 1.48 -2.27
N HIS A 73 -3.62 1.55 -2.12
CA HIS A 73 -4.53 2.12 -3.12
C HIS A 73 -5.12 3.45 -2.63
N GLN A 74 -4.38 4.14 -1.72
CA GLN A 74 -4.71 5.44 -1.10
C GLN A 74 -5.24 6.45 -2.12
N ARG A 75 -4.50 6.65 -3.24
CA ARG A 75 -4.84 7.57 -4.31
C ARG A 75 -6.25 7.34 -4.88
N PHE A 76 -6.66 6.07 -5.00
CA PHE A 76 -7.99 5.68 -5.51
C PHE A 76 -9.09 6.04 -4.52
N TYR A 77 -8.89 5.71 -3.23
CA TYR A 77 -9.85 5.99 -2.16
C TYR A 77 -10.07 7.48 -1.95
N ASP A 78 -8.99 8.27 -1.80
CA ASP A 78 -9.07 9.73 -1.61
C ASP A 78 -9.73 10.47 -2.77
N GLU A 79 -9.59 9.96 -4.00
CA GLU A 79 -10.20 10.55 -5.18
C GLU A 79 -11.73 10.32 -5.15
N LEU A 80 -12.16 9.07 -4.86
CA LEU A 80 -13.57 8.71 -4.74
C LEU A 80 -14.29 9.38 -3.55
N LEU A 81 -13.53 9.78 -2.51
CA LEU A 81 -14.05 10.47 -1.32
C LEU A 81 -14.18 11.98 -1.55
N ALA A 82 -13.23 12.58 -2.30
CA ALA A 82 -13.22 14.01 -2.65
C ALA A 82 -14.42 14.35 -3.55
N TYR A 83 -14.73 13.46 -4.49
CA TYR A 83 -15.89 13.60 -5.35
C TYR A 83 -17.18 13.19 -4.64
N GLY A 84 -17.16 12.60 -3.45
CA GLY A 84 -18.43 12.26 -2.81
C GLY A 84 -19.12 11.02 -3.36
N VAL A 85 -18.50 10.37 -4.37
CA VAL A 85 -18.83 9.06 -4.92
C VAL A 85 -18.91 8.02 -3.77
N LEU A 86 -17.94 8.06 -2.82
CA LEU A 86 -17.94 7.19 -1.65
C LEU A 86 -18.02 8.01 -0.35
N ARG A 87 -18.60 7.40 0.68
CA ARG A 87 -18.79 8.01 1.98
C ARG A 87 -18.75 6.89 3.04
N PRO A 88 -18.13 7.12 4.24
CA PRO A 88 -18.06 6.04 5.25
C PRO A 88 -19.42 5.47 5.65
N LEU A 89 -19.46 4.16 5.92
CA LEU A 89 -20.69 3.48 6.36
C LEU A 89 -20.96 3.92 7.80
N SER A 90 -22.15 4.48 8.05
CA SER A 90 -22.56 4.96 9.38
C SER A 90 -23.87 4.36 9.88
N SER A 91 -24.29 3.24 9.25
CA SER A 91 -25.52 2.50 9.57
C SER A 91 -25.16 1.08 10.09
N PRO A 92 -25.94 0.49 11.02
CA PRO A 92 -25.57 -0.85 11.53
C PRO A 92 -25.86 -2.04 10.60
N ILE A 93 -24.88 -2.95 10.51
CA ILE A 93 -24.97 -4.16 9.70
C ILE A 93 -24.64 -5.40 10.55
N GLU A 94 -25.68 -6.15 11.00
CA GLU A 94 -25.58 -7.35 11.83
C GLU A 94 -24.85 -8.53 11.17
N GLY A 95 -23.98 -9.19 11.92
CA GLY A 95 -23.23 -10.36 11.47
C GLY A 95 -21.91 -10.13 10.77
N MET A 96 -21.44 -8.87 10.71
CA MET A 96 -20.20 -8.46 10.05
C MET A 96 -18.95 -8.68 10.93
N VAL A 97 -17.83 -9.09 10.30
CA VAL A 97 -16.52 -9.32 10.93
C VAL A 97 -15.55 -8.16 10.62
N MET A 98 -14.65 -7.83 11.58
CA MET A 98 -13.66 -6.76 11.43
C MET A 98 -12.24 -7.25 11.75
N GLY A 101 -8.75 -3.71 11.99
CA GLY A 101 -8.69 -2.27 11.74
C GLY A 101 -9.27 -1.85 10.41
N ASP A 102 -10.27 -2.60 9.91
CA ASP A 102 -10.96 -2.37 8.64
C ASP A 102 -11.84 -1.11 8.66
N CYS A 103 -12.15 -0.57 7.46
CA CYS A 103 -13.01 0.60 7.28
C CYS A 103 -14.00 0.36 6.14
N ASN A 104 -15.31 0.53 6.42
CA ASN A 104 -16.37 0.33 5.44
C ASN A 104 -16.82 1.64 4.79
N PHE A 105 -17.14 1.59 3.49
CA PHE A 105 -17.62 2.72 2.69
C PHE A 105 -18.85 2.33 1.89
N VAL A 106 -19.71 3.31 1.61
CA VAL A 106 -20.93 3.17 0.81
C VAL A 106 -21.02 4.27 -0.25
N ALA A 107 -21.72 3.99 -1.35
CA ALA A 107 -21.92 4.91 -2.47
C ALA A 107 -23.33 5.53 -2.35
N PRO A 108 -23.43 6.79 -1.87
CA PRO A 108 -24.75 7.40 -1.65
C PRO A 108 -25.71 7.46 -2.85
N GLN A 109 -25.18 7.51 -4.08
CA GLN A 109 -26.02 7.56 -5.28
C GLN A 109 -26.19 6.17 -5.96
N GLY A 110 -25.75 5.11 -5.29
CA GLY A 110 -25.81 3.75 -5.80
C GLY A 110 -24.44 3.30 -6.24
N ILE A 111 -24.06 2.06 -5.92
CA ILE A 111 -22.74 1.50 -6.20
C ILE A 111 -22.25 1.59 -7.68
N SER A 112 -23.19 1.66 -8.66
CA SER A 112 -22.87 1.78 -10.08
C SER A 112 -22.30 3.16 -10.44
N SER A 113 -22.43 4.15 -9.53
CA SER A 113 -21.93 5.53 -9.68
C SER A 113 -20.42 5.57 -9.78
N ILE A 114 -19.72 4.58 -9.18
CA ILE A 114 -18.25 4.48 -9.22
C ILE A 114 -17.81 4.27 -10.68
N ILE A 115 -18.40 3.26 -11.35
CA ILE A 115 -18.12 2.93 -12.75
C ILE A 115 -18.44 4.12 -13.66
N LYS A 116 -19.63 4.75 -13.48
CA LYS A 116 -20.09 5.92 -14.22
C LYS A 116 -19.09 7.09 -14.10
N HIS A 117 -18.50 7.27 -12.91
CA HIS A 117 -17.48 8.29 -12.64
C HIS A 117 -16.19 8.03 -13.42
N TYR A 118 -15.70 6.79 -13.43
CA TYR A 118 -14.49 6.40 -14.14
C TYR A 118 -14.67 6.45 -15.67
N LEU A 119 -15.90 6.15 -16.15
CA LEU A 119 -16.22 6.17 -17.58
C LEU A 119 -16.22 7.60 -18.14
N LYS A 120 -16.79 8.59 -17.38
CA LYS A 120 -16.80 10.00 -17.80
C LYS A 120 -15.38 10.61 -17.73
N GLU A 121 -14.59 10.23 -16.68
CA GLU A 121 -13.21 10.66 -16.50
C GLU A 121 -12.35 10.24 -17.71
N SER A 122 -12.64 9.05 -18.28
CA SER A 122 -11.95 8.51 -19.44
C SER A 122 -12.36 9.16 -20.76
N GLY A 123 -13.54 9.76 -20.87
CA GLY A 123 -13.96 10.37 -22.12
C GLY A 123 -14.22 9.41 -23.26
N ALA A 124 -14.06 8.10 -23.00
CA ALA A 124 -14.32 6.96 -23.85
C ALA A 124 -15.72 6.98 -24.48
N GLU A 125 -15.84 6.35 -25.66
CA GLU A 125 -17.09 6.19 -26.39
C GLU A 125 -17.63 4.84 -25.92
N VAL A 126 -18.68 4.86 -25.10
CA VAL A 126 -19.28 3.67 -24.49
C VAL A 126 -20.52 3.20 -25.27
N TYR A 127 -20.49 1.93 -25.76
CA TYR A 127 -21.58 1.34 -26.55
C TYR A 127 -22.20 0.14 -25.85
N PHE A 128 -23.51 0.21 -25.59
CA PHE A 128 -24.29 -0.84 -24.92
C PHE A 128 -24.93 -1.76 -25.93
N ARG A 129 -25.37 -2.97 -25.46
CA ARG A 129 -25.97 -4.03 -26.31
C ARG A 129 -24.99 -4.35 -27.47
N HIS A 130 -23.70 -4.51 -27.12
CA HIS A 130 -22.57 -4.77 -28.01
C HIS A 130 -21.81 -5.97 -27.45
N ARG A 131 -22.31 -7.18 -27.79
CA ARG A 131 -21.78 -8.48 -27.36
CA ARG A 131 -21.75 -8.47 -27.36
C ARG A 131 -20.69 -8.95 -28.34
N VAL A 132 -19.43 -9.05 -27.87
CA VAL A 132 -18.33 -9.55 -28.72
C VAL A 132 -18.55 -11.06 -28.92
N THR A 133 -18.57 -11.48 -30.18
CA THR A 133 -18.78 -12.88 -30.55
C THR A 133 -17.43 -13.52 -30.91
N GLN A 134 -16.66 -12.83 -31.76
CA GLN A 134 -15.38 -13.30 -32.28
C GLN A 134 -14.31 -12.22 -32.28
N ILE A 135 -13.05 -12.65 -32.09
CA ILE A 135 -11.88 -11.78 -32.19
C ILE A 135 -10.91 -12.42 -33.20
N ASN A 136 -10.87 -11.87 -34.42
CA ASN A 136 -10.03 -12.36 -35.52
C ASN A 136 -8.85 -11.44 -35.83
N LEU A 137 -7.76 -12.02 -36.35
CA LEU A 137 -6.52 -11.30 -36.69
C LEU A 137 -6.39 -11.16 -38.21
N ARG A 138 -6.48 -9.89 -38.69
CA ARG A 138 -6.41 -9.54 -40.11
C ARG A 138 -5.49 -8.34 -40.30
N ASP A 139 -4.36 -8.56 -41.01
CA ASP A 139 -3.32 -7.58 -41.35
C ASP A 139 -2.69 -6.89 -40.13
N ASP A 140 -2.15 -7.72 -39.19
CA ASP A 140 -1.48 -7.27 -37.95
C ASP A 140 -2.31 -6.24 -37.12
N LYS A 141 -3.65 -6.40 -37.19
CA LYS A 141 -4.69 -5.64 -36.51
C LYS A 141 -5.86 -6.60 -36.15
N TRP A 142 -6.69 -6.22 -35.17
CA TRP A 142 -7.83 -7.03 -34.73
C TRP A 142 -9.11 -6.66 -35.46
N GLU A 143 -9.92 -7.69 -35.75
CA GLU A 143 -11.23 -7.58 -36.37
C GLU A 143 -12.22 -8.16 -35.38
N VAL A 144 -12.95 -7.28 -34.67
CA VAL A 144 -13.89 -7.65 -33.62
C VAL A 144 -15.33 -7.72 -34.16
N SER A 145 -15.95 -8.91 -34.10
CA SER A 145 -17.31 -9.17 -34.55
C SER A 145 -18.29 -9.05 -33.36
N LYS A 146 -19.58 -8.74 -33.65
CA LYS A 146 -20.66 -8.57 -32.66
C LYS A 146 -21.88 -9.44 -33.00
N GLN A 147 -22.94 -9.37 -32.14
CA GLN A 147 -24.23 -10.07 -32.32
C GLN A 147 -24.99 -9.45 -33.51
N THR A 148 -24.82 -8.13 -33.69
CA THR A 148 -25.35 -7.27 -34.78
C THR A 148 -24.77 -5.83 -34.69
N GLY A 149 -24.20 -5.31 -35.77
CA GLY A 149 -24.07 -5.95 -37.07
C GLY A 149 -22.64 -6.09 -37.55
N SER A 150 -22.12 -5.05 -38.21
CA SER A 150 -20.78 -4.97 -38.83
C SER A 150 -19.56 -5.09 -37.88
N PRO A 151 -18.47 -5.75 -38.33
CA PRO A 151 -17.27 -5.88 -37.47
C PRO A 151 -16.44 -4.58 -37.39
N GLU A 152 -15.55 -4.45 -36.38
CA GLU A 152 -14.71 -3.25 -36.20
C GLU A 152 -13.24 -3.52 -35.95
N GLN A 153 -12.35 -2.62 -36.45
CA GLN A 153 -10.90 -2.71 -36.35
C GLN A 153 -10.30 -1.97 -35.15
N PHE A 154 -9.37 -2.64 -34.42
CA PHE A 154 -8.69 -2.07 -33.27
C PHE A 154 -7.20 -2.47 -33.19
N ASP A 155 -6.37 -1.58 -32.60
CA ASP A 155 -4.94 -1.80 -32.38
C ASP A 155 -4.70 -2.60 -31.11
N LEU A 156 -5.43 -2.27 -30.01
CA LEU A 156 -5.31 -2.95 -28.72
C LEU A 156 -6.67 -3.38 -28.19
N ILE A 157 -6.71 -4.53 -27.49
CA ILE A 157 -7.91 -5.06 -26.82
C ILE A 157 -7.60 -5.49 -25.39
N VAL A 158 -8.48 -5.11 -24.46
CA VAL A 158 -8.44 -5.52 -23.06
C VAL A 158 -9.79 -6.15 -22.79
N LEU A 159 -9.77 -7.41 -22.34
CA LEU A 159 -10.97 -8.16 -22.02
C LEU A 159 -11.11 -8.23 -20.51
N THR A 160 -12.28 -7.84 -19.98
CA THR A 160 -12.50 -7.82 -18.53
C THR A 160 -13.63 -8.72 -18.03
N MET A 161 -14.33 -9.42 -18.95
CA MET A 161 -15.45 -10.30 -18.57
C MET A 161 -15.01 -11.56 -17.84
N PRO A 162 -15.86 -12.16 -16.95
CA PRO A 162 -15.45 -13.40 -16.25
C PRO A 162 -14.83 -14.46 -17.18
N VAL A 163 -13.71 -15.09 -16.74
CA VAL A 163 -12.96 -16.09 -17.51
C VAL A 163 -13.79 -17.09 -18.37
N PRO A 164 -14.85 -17.78 -17.88
CA PRO A 164 -15.60 -18.70 -18.76
C PRO A 164 -16.24 -18.01 -19.98
N GLU A 165 -16.50 -16.70 -19.90
CA GLU A 165 -17.06 -15.94 -21.01
C GLU A 165 -15.99 -15.57 -22.05
N ILE A 166 -14.71 -15.46 -21.62
CA ILE A 166 -13.58 -15.20 -22.54
C ILE A 166 -13.39 -16.49 -23.37
N LEU A 167 -13.53 -17.67 -22.71
CA LEU A 167 -13.42 -19.00 -23.30
C LEU A 167 -14.57 -19.35 -24.27
N GLN A 168 -15.72 -18.63 -24.17
CA GLN A 168 -16.86 -18.87 -25.05
C GLN A 168 -16.68 -18.20 -26.44
N LEU A 169 -15.79 -17.18 -26.54
CA LEU A 169 -15.48 -16.43 -27.77
C LEU A 169 -14.86 -17.34 -28.82
N GLN A 170 -15.33 -17.21 -30.07
CA GLN A 170 -14.84 -17.99 -31.21
C GLN A 170 -13.89 -17.15 -32.06
N GLY A 171 -13.13 -17.79 -32.94
CA GLY A 171 -12.19 -17.10 -33.81
C GLY A 171 -10.73 -17.35 -33.49
N ASP A 172 -9.83 -16.50 -34.04
CA ASP A 172 -8.38 -16.64 -33.88
C ASP A 172 -7.92 -16.70 -32.43
N ILE A 173 -8.68 -16.05 -31.51
CA ILE A 173 -8.45 -16.00 -30.07
C ILE A 173 -8.28 -17.42 -29.49
N THR A 174 -9.11 -18.38 -29.95
CA THR A 174 -9.09 -19.79 -29.51
C THR A 174 -7.73 -20.48 -29.82
N THR A 175 -6.98 -19.95 -30.81
CA THR A 175 -5.68 -20.47 -31.21
C THR A 175 -4.51 -19.61 -30.73
N LEU A 176 -4.82 -18.45 -30.14
CA LEU A 176 -3.80 -17.55 -29.58
C LEU A 176 -3.55 -17.95 -28.13
N ILE A 177 -4.46 -18.75 -27.57
CA ILE A 177 -4.38 -19.29 -26.21
C ILE A 177 -3.61 -20.60 -26.26
N SER A 178 -2.45 -20.65 -25.59
CA SER A 178 -1.60 -21.85 -25.54
C SER A 178 -2.24 -22.87 -24.60
N GLU A 179 -1.93 -24.17 -24.80
CA GLU A 179 -2.49 -25.27 -23.99
C GLU A 179 -2.35 -25.01 -22.47
N CYS A 180 -1.16 -24.54 -22.03
CA CYS A 180 -0.88 -24.20 -20.63
C CYS A 180 -1.76 -23.06 -20.13
N GLN A 181 -1.92 -21.99 -20.93
CA GLN A 181 -2.76 -20.84 -20.61
C GLN A 181 -4.22 -21.27 -20.48
N ARG A 182 -4.69 -22.12 -21.42
CA ARG A 182 -6.05 -22.66 -21.45
C ARG A 182 -6.36 -23.45 -20.18
N GLN A 183 -5.39 -24.27 -19.71
CA GLN A 183 -5.51 -25.08 -18.49
C GLN A 183 -5.62 -24.21 -17.25
N GLN A 184 -4.89 -23.07 -17.22
CA GLN A 184 -4.90 -22.10 -16.12
C GLN A 184 -6.26 -21.40 -16.05
N LEU A 185 -6.80 -20.99 -17.21
CA LEU A 185 -8.10 -20.33 -17.33
C LEU A 185 -9.25 -21.26 -16.95
N GLU A 186 -9.13 -22.56 -17.27
CA GLU A 186 -10.14 -23.59 -16.96
C GLU A 186 -10.21 -23.88 -15.47
N ALA A 187 -9.10 -23.63 -14.73
CA ALA A 187 -9.01 -23.82 -13.28
C ALA A 187 -9.80 -22.73 -12.53
N VAL A 188 -10.07 -21.61 -13.19
CA VAL A 188 -10.80 -20.46 -12.65
C VAL A 188 -12.27 -20.85 -12.44
N SER A 189 -12.77 -20.71 -11.20
CA SER A 189 -14.16 -21.04 -10.86
C SER A 189 -14.87 -19.94 -10.07
N TYR A 190 -16.17 -19.75 -10.38
CA TYR A 190 -17.06 -18.76 -9.76
C TYR A 190 -18.28 -19.43 -9.10
N SER A 191 -18.76 -18.84 -7.98
CA SER A 191 -19.97 -19.32 -7.33
C SER A 191 -21.18 -18.68 -8.03
N SER A 192 -22.40 -19.18 -7.78
CA SER A 192 -23.63 -18.66 -8.38
C SER A 192 -24.57 -18.21 -7.28
N ARG A 193 -25.30 -17.12 -7.50
CA ARG A 193 -26.26 -16.55 -6.56
C ARG A 193 -27.42 -15.89 -7.31
N TYR A 194 -28.53 -15.65 -6.60
CA TYR A 194 -29.69 -14.93 -7.11
C TYR A 194 -29.87 -13.69 -6.25
N ALA A 195 -30.17 -12.55 -6.90
CA ALA A 195 -30.39 -11.28 -6.23
C ALA A 195 -31.85 -10.89 -6.41
N LEU A 196 -32.46 -10.35 -5.35
CA LEU A 196 -33.85 -9.92 -5.39
C LEU A 196 -33.95 -8.51 -4.86
N GLY A 197 -34.33 -7.58 -5.74
CA GLY A 197 -34.54 -6.18 -5.42
C GLY A 197 -36.02 -5.91 -5.30
N LEU A 198 -36.46 -5.35 -4.15
CA LEU A 198 -37.87 -5.04 -3.85
C LEU A 198 -38.07 -3.56 -3.58
N PHE A 199 -39.04 -2.95 -4.27
CA PHE A 199 -39.30 -1.52 -4.17
C PHE A 199 -40.64 -1.20 -3.51
N TYR A 200 -40.62 -0.24 -2.58
CA TYR A 200 -41.81 0.19 -1.84
C TYR A 200 -42.00 1.71 -1.93
N GLU A 201 -43.10 2.21 -1.33
CA GLU A 201 -43.46 3.62 -1.14
C GLU A 201 -44.03 3.73 0.27
N ALA A 202 -44.18 2.54 0.92
CA ALA A 202 -44.77 2.33 2.24
C ALA A 202 -44.04 3.03 3.39
N GLY A 203 -42.80 2.61 3.65
CA GLY A 203 -41.98 3.12 4.74
C GLY A 203 -42.03 2.20 5.93
N THR A 204 -40.85 1.96 6.54
CA THR A 204 -40.61 1.11 7.73
C THR A 204 -40.92 -0.36 7.50
N ASP A 207 -40.26 -1.34 10.83
CA ASP A 207 -38.94 -1.81 10.40
C ASP A 207 -38.18 -2.58 11.48
N VAL A 208 -36.85 -2.64 11.34
CA VAL A 208 -35.87 -3.32 12.20
C VAL A 208 -34.73 -2.31 12.53
N PRO A 209 -33.96 -2.49 13.62
CA PRO A 209 -32.91 -1.51 13.94
C PRO A 209 -31.74 -1.42 12.96
N TRP A 210 -31.33 -2.56 12.40
CA TRP A 210 -30.22 -2.67 11.45
C TRP A 210 -30.58 -2.17 10.04
N ALA A 211 -29.56 -2.03 9.17
CA ALA A 211 -29.69 -1.61 7.75
C ALA A 211 -29.35 -2.80 6.84
N GLY A 212 -28.48 -3.67 7.34
CA GLY A 212 -28.06 -4.91 6.69
C GLY A 212 -27.99 -6.03 7.72
N GLN A 213 -28.09 -7.29 7.24
CA GLN A 213 -28.04 -8.49 8.09
C GLN A 213 -27.53 -9.73 7.36
N TYR A 214 -26.46 -10.35 7.88
CA TYR A 214 -25.90 -11.61 7.40
C TYR A 214 -26.63 -12.77 8.10
N ILE A 215 -27.11 -13.74 7.31
CA ILE A 215 -27.83 -14.91 7.80
C ILE A 215 -27.05 -16.19 7.43
N THR A 216 -26.80 -17.07 8.40
CA THR A 216 -26.06 -18.33 8.23
C THR A 216 -26.95 -19.56 8.45
N SER A 217 -28.07 -19.38 9.19
CA SER A 217 -29.02 -20.42 9.55
C SER A 217 -30.15 -20.66 8.54
N ASN A 218 -30.26 -19.89 7.45
CA ASN A 218 -31.34 -20.06 6.48
C ASN A 218 -30.93 -20.89 5.23
N PRO A 219 -31.80 -21.80 4.71
CA PRO A 219 -31.39 -22.59 3.53
C PRO A 219 -31.38 -21.83 2.19
N CYS A 220 -32.12 -20.70 2.09
CA CYS A 220 -32.26 -19.95 0.84
C CYS A 220 -31.66 -18.53 0.83
N ILE A 221 -31.77 -17.77 1.94
CA ILE A 221 -31.28 -16.40 2.07
C ILE A 221 -29.95 -16.33 2.85
N ARG A 222 -29.01 -15.50 2.39
CA ARG A 222 -27.69 -15.33 2.98
C ARG A 222 -27.51 -13.93 3.55
N PHE A 223 -28.09 -12.93 2.89
CA PHE A 223 -27.98 -11.52 3.28
C PHE A 223 -29.20 -10.69 2.85
N VAL A 224 -29.67 -9.81 3.74
CA VAL A 224 -30.80 -8.89 3.54
C VAL A 224 -30.31 -7.47 3.82
N SER A 225 -30.65 -6.52 2.94
CA SER A 225 -30.25 -5.13 3.11
C SER A 225 -31.38 -4.16 2.85
N ILE A 226 -31.45 -3.11 3.66
CA ILE A 226 -32.37 -2.00 3.47
C ILE A 226 -31.47 -0.93 2.82
N ASP A 227 -31.37 -0.98 1.48
CA ASP A 227 -30.51 -0.13 0.64
C ASP A 227 -30.58 1.37 0.95
N ASN A 228 -31.78 1.93 1.16
CA ASN A 228 -31.93 3.35 1.50
C ASN A 228 -31.28 3.72 2.84
N LYS A 229 -31.42 2.86 3.88
CA LYS A 229 -30.84 3.08 5.22
C LYS A 229 -29.32 2.87 5.22
N LYS A 230 -28.84 1.91 4.41
CA LYS A 230 -27.42 1.61 4.23
C LYS A 230 -26.68 2.82 3.62
N ARG A 231 -27.27 3.47 2.59
CA ARG A 231 -26.72 4.65 1.92
C ARG A 231 -27.05 5.92 2.71
N ASN A 232 -27.93 5.79 3.71
CA ASN A 232 -28.41 6.84 4.58
C ASN A 232 -29.09 8.00 3.81
N ILE A 233 -30.18 7.66 3.11
CA ILE A 233 -31.00 8.62 2.37
C ILE A 233 -32.02 9.09 3.40
N GLU A 234 -31.96 10.35 3.77
CA GLU A 234 -32.92 10.97 4.66
C GLU A 234 -34.31 11.22 4.08
N SER A 235 -34.34 11.73 2.87
CA SER A 235 -35.57 12.13 2.16
C SER A 235 -36.76 11.17 2.32
N SER A 236 -37.97 11.75 2.26
CA SER A 236 -39.26 11.05 2.36
C SER A 236 -40.07 11.30 1.09
N ILE A 238 -39.24 9.48 -1.59
CA ILE A 238 -38.65 8.17 -1.89
C ILE A 238 -39.15 7.14 -0.88
N GLY A 239 -39.32 5.90 -1.35
CA GLY A 239 -39.75 4.77 -0.53
C GLY A 239 -38.64 3.78 -0.24
N PRO A 240 -38.80 2.90 0.78
CA PRO A 240 -37.74 1.93 1.10
C PRO A 240 -37.41 0.95 -0.02
N SER A 241 -36.21 0.36 0.05
CA SER A 241 -35.72 -0.61 -0.92
C SER A 241 -35.04 -1.77 -0.22
N LEU A 242 -35.44 -2.99 -0.59
CA LEU A 242 -34.92 -4.22 0.00
C LEU A 242 -34.13 -5.05 -1.00
N VAL A 243 -32.90 -5.45 -0.62
CA VAL A 243 -32.03 -6.31 -1.42
C VAL A 243 -31.79 -7.64 -0.68
N ILE A 244 -32.02 -8.77 -1.37
CA ILE A 244 -31.80 -10.11 -0.82
C ILE A 244 -30.76 -10.84 -1.69
N HIS A 245 -29.72 -11.42 -1.06
CA HIS A 245 -28.69 -12.22 -1.73
C HIS A 245 -28.90 -13.66 -1.27
N THR A 246 -29.09 -14.57 -2.23
CA THR A 246 -29.30 -15.98 -1.89
C THR A 246 -27.98 -16.66 -1.52
N THR A 247 -28.08 -17.90 -1.09
CA THR A 247 -26.94 -18.74 -0.77
C THR A 247 -26.38 -19.34 -2.08
N VAL A 248 -25.17 -19.92 -2.03
CA VAL A 248 -24.56 -20.56 -3.21
C VAL A 248 -25.34 -21.87 -3.56
N PRO A 249 -25.61 -22.81 -2.61
CA PRO A 249 -26.40 -24.00 -2.98
C PRO A 249 -27.75 -23.68 -3.62
N PHE A 250 -28.46 -22.61 -3.19
CA PHE A 250 -29.74 -22.22 -3.81
C PHE A 250 -29.49 -21.72 -5.24
N GLY A 251 -28.43 -20.95 -5.42
CA GLY A 251 -28.00 -20.37 -6.70
C GLY A 251 -27.64 -21.41 -7.73
N VAL A 252 -26.92 -22.48 -7.31
CA VAL A 252 -26.49 -23.59 -8.18
C VAL A 252 -27.69 -24.46 -8.57
N THR A 253 -28.57 -24.76 -7.60
CA THR A 253 -29.77 -25.61 -7.80
C THR A 253 -30.78 -24.99 -8.77
N TYR A 254 -30.93 -23.67 -8.74
CA TYR A 254 -31.91 -22.95 -9.55
C TYR A 254 -31.36 -22.14 -10.72
N LEU A 255 -30.11 -22.40 -11.17
CA LEU A 255 -29.49 -21.71 -12.32
C LEU A 255 -30.32 -21.79 -13.59
N GLU A 256 -30.88 -22.97 -13.91
CA GLU A 256 -31.66 -23.17 -15.13
C GLU A 256 -33.19 -23.13 -14.94
N HIS A 257 -33.63 -22.67 -13.77
CA HIS A 257 -35.05 -22.56 -13.40
C HIS A 257 -35.67 -21.23 -13.80
N SER A 258 -37.02 -21.19 -13.90
CA SER A 258 -37.80 -20.01 -14.26
C SER A 258 -37.61 -18.88 -13.22
N ILE A 259 -37.32 -17.65 -13.70
CA ILE A 259 -37.13 -16.45 -12.88
C ILE A 259 -38.37 -16.18 -11.99
N GLU A 260 -39.58 -16.42 -12.52
CA GLU A 260 -40.85 -16.25 -11.80
C GLU A 260 -41.05 -17.31 -10.72
N ASP A 261 -40.46 -18.50 -10.90
CA ASP A 261 -40.47 -19.61 -9.95
C ASP A 261 -39.50 -19.30 -8.80
N VAL A 262 -38.27 -18.86 -9.15
CA VAL A 262 -37.19 -18.48 -8.21
C VAL A 262 -37.66 -17.32 -7.32
N GLN A 263 -38.32 -16.31 -7.91
CA GLN A 263 -38.86 -15.14 -7.21
C GLN A 263 -39.81 -15.55 -6.10
N GLU A 264 -40.69 -16.54 -6.38
CA GLU A 264 -41.67 -17.05 -5.42
C GLU A 264 -41.04 -17.84 -4.26
N LEU A 265 -39.88 -18.48 -4.51
CA LEU A 265 -39.14 -19.25 -3.51
C LEU A 265 -38.50 -18.31 -2.46
N VAL A 266 -37.87 -17.21 -2.94
CA VAL A 266 -37.21 -16.20 -2.12
C VAL A 266 -38.26 -15.36 -1.35
N PHE A 267 -39.38 -14.99 -2.01
CA PHE A 267 -40.48 -14.21 -1.42
C PHE A 267 -41.17 -14.92 -0.25
N GLN A 268 -41.37 -16.25 -0.35
CA GLN A 268 -41.96 -17.05 0.72
C GLN A 268 -40.92 -17.31 1.83
N GLN A 269 -39.61 -17.20 1.51
CA GLN A 269 -38.53 -17.38 2.46
C GLN A 269 -38.29 -16.10 3.27
N LEU A 270 -38.60 -14.93 2.66
CA LEU A 270 -38.47 -13.62 3.28
C LEU A 270 -39.49 -13.47 4.42
N GLU A 271 -40.67 -14.12 4.30
CA GLU A 271 -41.72 -14.10 5.33
C GLU A 271 -41.29 -14.79 6.63
N ASN A 272 -40.39 -15.80 6.56
CA ASN A 272 -39.88 -16.50 7.75
C ASN A 272 -38.83 -15.64 8.48
N ILE A 273 -37.92 -15.00 7.71
CA ILE A 273 -36.87 -14.13 8.24
C ILE A 273 -37.47 -12.83 8.80
N LEU A 274 -38.35 -12.18 8.01
CA LEU A 274 -38.99 -10.91 8.34
C LEU A 274 -40.51 -10.86 8.12
N PRO A 275 -41.35 -11.29 9.10
CA PRO A 275 -42.80 -11.19 8.90
C PRO A 275 -43.34 -9.81 9.29
N GLY A 276 -44.38 -9.37 8.58
CA GLY A 276 -45.03 -8.09 8.80
C GLY A 276 -44.59 -7.01 7.83
N LEU A 277 -44.43 -7.39 6.55
CA LEU A 277 -44.01 -6.48 5.48
C LEU A 277 -45.12 -6.34 4.44
N PRO A 278 -45.36 -5.11 3.92
CA PRO A 278 -46.39 -4.94 2.90
C PRO A 278 -45.95 -5.52 1.54
N GLN A 279 -46.92 -5.75 0.64
CA GLN A 279 -46.65 -6.28 -0.69
C GLN A 279 -45.88 -5.22 -1.52
N PRO A 280 -44.74 -5.57 -2.15
CA PRO A 280 -43.97 -4.57 -2.90
C PRO A 280 -44.63 -4.07 -4.17
N ILE A 281 -44.30 -2.82 -4.54
CA ILE A 281 -44.80 -2.17 -5.76
C ILE A 281 -44.09 -2.78 -6.97
N ALA A 282 -42.76 -2.90 -6.89
CA ALA A 282 -41.92 -3.43 -7.95
C ALA A 282 -40.90 -4.44 -7.43
N THR A 283 -40.52 -5.39 -8.31
CA THR A 283 -39.54 -6.45 -8.05
C THR A 283 -38.54 -6.51 -9.20
N LYS A 284 -37.29 -6.88 -8.90
CA LYS A 284 -36.21 -7.07 -9.88
C LYS A 284 -35.36 -8.26 -9.47
N CYS A 285 -35.47 -9.36 -10.22
CA CYS A 285 -34.69 -10.56 -9.94
C CYS A 285 -33.52 -10.67 -10.89
N GLN A 286 -32.30 -10.71 -10.34
CA GLN A 286 -31.06 -10.79 -11.11
C GLN A 286 -30.24 -12.04 -10.79
N LYS A 287 -29.99 -12.85 -11.82
CA LYS A 287 -29.23 -14.08 -11.79
C LYS A 287 -27.73 -13.79 -11.96
N TRP A 288 -26.92 -14.16 -10.97
CA TRP A 288 -25.46 -14.00 -11.03
C TRP A 288 -24.85 -15.38 -11.24
N ARG A 289 -24.77 -15.83 -12.52
CA ARG A 289 -24.20 -17.12 -12.90
C ARG A 289 -22.73 -17.21 -12.48
N HIS A 290 -22.03 -16.04 -12.48
CA HIS A 290 -20.63 -15.95 -12.08
C HIS A 290 -20.55 -14.88 -10.98
N SER A 291 -21.04 -15.21 -9.76
CA SER A 291 -21.06 -14.24 -8.67
C SER A 291 -19.70 -13.82 -8.12
N GLN A 292 -18.94 -14.74 -7.51
CA GLN A 292 -17.64 -14.45 -6.91
C GLN A 292 -16.63 -15.58 -7.13
N VAL A 293 -15.36 -15.21 -7.29
CA VAL A 293 -14.26 -16.13 -7.55
C VAL A 293 -14.00 -16.99 -6.31
N THR A 294 -14.15 -18.32 -6.45
CA THR A 294 -13.96 -19.27 -5.36
C THR A 294 -12.51 -19.75 -5.22
N ASN A 295 -12.10 -20.73 -6.02
CA ASN A 295 -10.72 -21.25 -5.99
C ASN A 295 -10.18 -21.03 -7.38
N ALA A 296 -9.78 -19.80 -7.66
CA ALA A 296 -9.35 -19.47 -8.99
C ALA A 296 -8.30 -18.40 -9.07
N ALA A 297 -7.28 -18.61 -9.89
CA ALA A 297 -6.18 -17.65 -10.13
C ALA A 297 -5.65 -17.52 -11.56
N ALA A 298 -4.98 -18.52 -12.11
CA ALA A 298 -4.63 -19.76 -11.44
C ALA A 298 -3.26 -19.70 -10.73
N ASN A 299 -2.52 -18.62 -10.95
CA ASN A 299 -1.22 -18.46 -10.32
C ASN A 299 -1.10 -17.26 -9.40
N CYS A 300 -2.18 -16.52 -9.24
CA CYS A 300 -2.14 -15.29 -8.46
C CYS A 300 -1.93 -13.98 -9.25
N PRO A 301 -1.64 -14.04 -10.54
CA PRO A 301 -1.30 -12.83 -11.29
C PRO A 301 -2.49 -11.93 -11.62
N GLY A 302 -2.25 -10.63 -11.71
CA GLY A 302 -3.25 -9.64 -12.04
C GLY A 302 -3.82 -9.66 -13.44
N GLN A 303 -3.07 -10.20 -14.40
CA GLN A 303 -3.40 -10.21 -15.81
C GLN A 303 -2.79 -11.33 -16.63
N MET A 304 -3.35 -11.58 -17.80
CA MET A 304 -2.80 -12.55 -18.73
C MET A 304 -2.76 -11.98 -20.17
N THR A 305 -1.55 -11.75 -20.68
CA THR A 305 -1.32 -11.26 -22.05
C THR A 305 -1.29 -12.47 -22.95
N LEU A 306 -2.01 -12.42 -24.07
CA LEU A 306 -2.00 -13.54 -24.99
C LEU A 306 -1.41 -13.26 -26.40
N HIS A 307 -1.12 -11.97 -26.71
CA HIS A 307 -0.52 -11.47 -27.96
C HIS A 307 0.04 -10.06 -27.73
N HIS A 308 1.24 -9.78 -28.29
CA HIS A 308 1.92 -8.49 -28.08
C HIS A 308 1.80 -7.46 -29.20
N LYS A 309 1.97 -7.89 -30.46
CA LYS A 309 1.87 -6.99 -31.62
C LYS A 309 0.96 -7.64 -32.68
N PRO A 310 -0.37 -7.36 -32.70
CA PRO A 310 -1.11 -6.40 -31.84
C PRO A 310 -1.42 -6.92 -30.43
N PHE A 311 -1.65 -5.99 -29.49
CA PHE A 311 -1.88 -6.27 -28.06
C PHE A 311 -3.26 -6.80 -27.68
N LEU A 312 -3.28 -7.86 -26.84
CA LEU A 312 -4.49 -8.49 -26.28
C LEU A 312 -4.18 -9.07 -24.92
N ALA A 313 -4.92 -8.60 -23.92
CA ALA A 313 -4.87 -9.10 -22.55
C ALA A 313 -6.28 -9.27 -21.94
N CYS A 314 -6.33 -10.15 -20.96
CA CYS A 314 -7.50 -10.43 -20.19
C CYS A 314 -7.25 -9.95 -18.76
N GLY A 315 -8.24 -9.30 -18.20
CA GLY A 315 -8.16 -8.73 -16.88
C GLY A 315 -9.41 -9.06 -16.10
N GLY A 316 -9.47 -8.56 -14.87
CA GLY A 316 -10.58 -8.82 -13.98
C GLY A 316 -10.36 -9.63 -12.72
N ASP A 317 -11.51 -10.04 -12.18
CA ASP A 317 -11.77 -10.72 -10.92
C ASP A 317 -11.08 -12.03 -10.74
N GLY A 318 -11.12 -12.76 -11.82
CA GLY A 318 -10.64 -14.14 -11.93
C GLY A 318 -9.15 -14.29 -11.75
N PHE A 319 -8.42 -13.17 -11.86
CA PHE A 319 -6.96 -13.07 -11.78
C PHE A 319 -6.51 -12.50 -10.43
N THR A 320 -7.43 -11.91 -9.66
CA THR A 320 -7.12 -11.32 -8.35
C THR A 320 -8.05 -11.90 -7.28
N GLN A 321 -9.06 -11.11 -6.82
CA GLN A 321 -10.07 -11.48 -5.84
C GLN A 321 -11.36 -10.73 -6.22
N SER A 322 -12.53 -11.29 -5.84
CA SER A 322 -13.85 -10.70 -6.12
C SER A 322 -14.24 -9.60 -5.12
N ASN A 323 -13.52 -8.49 -5.19
CA ASN A 323 -13.71 -7.27 -4.39
C ASN A 323 -13.13 -6.08 -5.14
N PHE A 324 -13.47 -4.85 -4.70
CA PHE A 324 -13.07 -3.56 -5.26
C PHE A 324 -11.57 -3.39 -5.40
N ASP A 325 -10.79 -3.83 -4.39
CA ASP A 325 -9.32 -3.72 -4.44
C ASP A 325 -8.69 -4.74 -5.38
N GLY A 326 -9.39 -5.85 -5.61
CA GLY A 326 -8.97 -6.90 -6.55
C GLY A 326 -9.03 -6.37 -7.97
N CYS A 327 -10.09 -5.62 -8.28
CA CYS A 327 -10.31 -4.97 -9.56
C CYS A 327 -9.25 -3.91 -9.81
N ILE A 328 -8.89 -3.14 -8.75
CA ILE A 328 -7.86 -2.10 -8.83
C ILE A 328 -6.52 -2.75 -9.20
N THR A 329 -6.09 -3.80 -8.45
CA THR A 329 -4.86 -4.53 -8.70
C THR A 329 -4.80 -5.14 -10.11
N SER A 330 -5.93 -5.72 -10.57
CA SER A 330 -6.03 -6.28 -11.92
C SER A 330 -5.91 -5.20 -13.00
N ALA A 331 -6.51 -4.00 -12.78
CA ALA A 331 -6.44 -2.87 -13.72
C ALA A 331 -5.03 -2.28 -13.81
N LEU A 332 -4.33 -2.17 -12.66
CA LEU A 332 -2.96 -1.67 -12.58
C LEU A 332 -1.97 -2.62 -13.26
N CYS A 333 -2.22 -3.94 -13.17
CA CYS A 333 -1.41 -5.00 -13.78
C CYS A 333 -1.51 -4.98 -15.30
N VAL A 334 -2.73 -4.74 -15.83
CA VAL A 334 -2.99 -4.65 -17.28
C VAL A 334 -2.26 -3.41 -17.83
N LEU A 335 -2.32 -2.27 -17.10
CA LEU A 335 -1.70 -1.02 -17.50
C LEU A 335 -0.16 -1.10 -17.60
N GLU A 336 0.47 -1.85 -16.67
CA GLU A 336 1.93 -2.04 -16.65
C GLU A 336 2.36 -2.96 -17.80
N ALA A 337 1.45 -3.84 -18.26
CA ALA A 337 1.70 -4.75 -19.37
C ALA A 337 1.74 -4.00 -20.71
N LEU A 338 0.86 -3.01 -20.91
CA LEU A 338 0.81 -2.23 -22.17
C LEU A 338 1.63 -0.93 -22.19
N LYS A 339 2.25 -0.56 -21.05
CA LYS A 339 3.11 0.61 -20.81
C LYS A 339 4.14 0.87 -21.93
N ASN A 340 4.79 -0.20 -22.46
CA ASN A 340 5.76 -0.06 -23.54
C ASN A 340 5.12 -0.43 -24.90
N TYR A 341 3.81 -0.18 -25.08
CA TYR A 341 3.10 -0.49 -26.33
C TYR A 341 2.21 0.64 -26.82
N ALA B 2 34.61 17.07 -10.20
CA ALA B 2 34.38 15.81 -9.47
C ALA B 2 32.91 15.62 -9.07
N GLN B 3 32.34 14.46 -9.46
CA GLN B 3 30.96 14.06 -9.18
C GLN B 3 31.00 12.97 -8.09
N VAL B 4 30.53 13.32 -6.89
CA VAL B 4 30.53 12.42 -5.73
C VAL B 4 29.11 12.02 -5.39
N LEU B 5 28.86 10.69 -5.22
CA LEU B 5 27.56 10.17 -4.85
C LEU B 5 27.59 9.55 -3.44
N ILE B 6 26.64 9.95 -2.61
CA ILE B 6 26.49 9.38 -1.27
C ILE B 6 25.16 8.65 -1.23
N VAL B 7 25.21 7.31 -1.05
CA VAL B 7 24.01 6.49 -1.03
C VAL B 7 23.55 6.27 0.40
N GLY B 8 22.41 6.85 0.73
CA GLY B 8 21.79 6.80 2.05
C GLY B 8 21.79 8.15 2.72
N ALA B 9 20.59 8.70 3.00
CA ALA B 9 20.46 9.99 3.70
C ALA B 9 20.17 9.70 5.17
N GLY B 10 21.12 9.02 5.81
CA GLY B 10 21.08 8.64 7.21
C GLY B 10 22.08 9.46 7.99
N MET B 11 22.47 8.97 9.17
CA MET B 11 23.41 9.62 10.07
C MET B 11 24.81 9.66 9.48
N THR B 12 25.35 8.51 9.06
CA THR B 12 26.69 8.37 8.48
C THR B 12 26.83 9.17 7.17
N GLY B 13 25.83 9.07 6.29
CA GLY B 13 25.82 9.74 5.00
C GLY B 13 25.77 11.26 5.03
N SER B 14 24.87 11.82 5.84
CA SER B 14 24.69 13.26 6.01
C SER B 14 25.96 13.88 6.56
N LEU B 15 26.62 13.19 7.49
CA LEU B 15 27.85 13.63 8.11
C LEU B 15 29.03 13.53 7.14
N CYS B 16 29.09 12.47 6.30
CA CYS B 16 30.10 12.27 5.25
C CYS B 16 30.05 13.45 4.28
N ALA B 17 28.81 13.82 3.86
CA ALA B 17 28.51 14.94 2.96
C ALA B 17 28.94 16.29 3.56
N ALA B 18 28.65 16.50 4.87
CA ALA B 18 28.99 17.72 5.61
C ALA B 18 30.50 17.83 5.82
N LEU B 19 31.18 16.70 6.08
CA LEU B 19 32.63 16.64 6.26
C LEU B 19 33.38 16.80 4.95
N LEU B 20 32.78 16.36 3.81
CA LEU B 20 33.39 16.47 2.49
C LEU B 20 33.42 17.92 2.01
N ARG B 21 32.43 18.73 2.38
CA ARG B 21 32.37 20.15 2.01
C ARG B 21 33.42 20.94 2.80
N ARG B 22 33.46 20.72 4.13
CA ARG B 22 34.36 21.34 5.11
C ARG B 22 35.84 21.02 4.89
N GLN B 23 36.16 19.90 4.20
CA GLN B 23 37.52 19.44 3.96
C GLN B 23 38.09 19.79 2.59
N THR B 24 37.35 19.51 1.50
CA THR B 24 37.81 19.75 0.13
C THR B 24 38.02 21.23 -0.21
N SER B 25 39.21 21.55 -0.74
CA SER B 25 39.61 22.88 -1.17
C SER B 25 38.98 23.17 -2.53
N GLY B 26 39.16 22.23 -3.47
CA GLY B 26 38.65 22.30 -4.83
C GLY B 26 37.15 22.18 -4.98
N PRO B 27 36.62 22.43 -6.20
CA PRO B 27 35.17 22.33 -6.42
C PRO B 27 34.66 20.92 -6.71
N LEU B 28 33.44 20.60 -6.22
CA LEU B 28 32.80 19.30 -6.41
C LEU B 28 31.27 19.34 -6.42
N TYR B 29 30.66 18.37 -7.12
CA TYR B 29 29.21 18.19 -7.19
C TYR B 29 28.85 17.07 -6.20
N LEU B 30 28.00 17.40 -5.21
CA LEU B 30 27.56 16.46 -4.17
C LEU B 30 26.12 16.00 -4.37
N ALA B 31 25.94 14.71 -4.65
CA ALA B 31 24.62 14.12 -4.77
C ALA B 31 24.37 13.11 -3.63
N VAL B 32 23.18 13.18 -3.03
CA VAL B 32 22.76 12.26 -1.97
C VAL B 32 21.48 11.56 -2.45
N TRP B 33 21.49 10.22 -2.46
CA TRP B 33 20.36 9.40 -2.91
C TRP B 33 19.82 8.55 -1.79
N ASP B 34 18.50 8.52 -1.60
CA ASP B 34 17.84 7.66 -0.61
C ASP B 34 16.59 7.04 -1.23
N LYS B 35 16.35 5.75 -0.96
CA LYS B 35 15.20 4.99 -1.45
C LYS B 35 13.86 5.43 -0.82
N ALA B 36 13.94 6.06 0.36
CA ALA B 36 12.77 6.52 1.11
C ALA B 36 12.23 7.86 0.61
N ASP B 37 11.02 8.25 1.09
CA ASP B 37 10.36 9.52 0.76
C ASP B 37 11.05 10.69 1.43
N ASP B 38 11.65 10.46 2.62
CA ASP B 38 12.35 11.46 3.42
C ASP B 38 13.70 10.92 3.95
N SER B 39 14.49 11.78 4.62
CA SER B 39 15.80 11.45 5.20
C SER B 39 15.67 10.92 6.64
N GLY B 40 16.81 10.54 7.23
CA GLY B 40 16.85 10.06 8.62
C GLY B 40 17.36 8.65 8.83
N GLY B 41 16.88 7.71 8.00
CA GLY B 41 17.25 6.30 8.11
C GLY B 41 16.63 5.67 9.34
N ARG B 42 17.48 5.21 10.27
CA ARG B 42 17.03 4.63 11.54
C ARG B 42 16.88 5.70 12.64
N MET B 43 17.01 6.95 12.23
CA MET B 43 16.79 8.12 13.05
C MET B 43 15.61 8.89 12.55
N THR B 44 14.70 8.25 11.85
CA THR B 44 13.59 8.97 11.31
C THR B 44 12.69 9.49 12.39
N THR B 45 11.93 10.51 12.09
CA THR B 45 10.92 11.00 12.98
C THR B 45 9.58 11.12 12.24
N ALA B 46 8.52 10.54 12.77
CA ALA B 46 7.26 10.49 12.10
C ALA B 46 6.33 11.53 12.62
N CYS B 47 5.62 12.15 11.70
CA CYS B 47 4.68 13.21 12.03
C CYS B 47 3.26 12.69 11.87
N SER B 48 2.35 13.16 12.73
CA SER B 48 0.95 12.76 12.72
C SER B 48 0.23 13.35 11.50
N PRO B 49 -0.70 12.60 10.84
CA PRO B 49 -1.42 13.17 9.70
C PRO B 49 -2.29 14.38 10.07
N HIS B 50 -2.66 14.47 11.35
CA HIS B 50 -3.47 15.58 11.86
C HIS B 50 -2.67 16.86 12.05
N ASN B 51 -1.60 16.81 12.86
CA ASN B 51 -0.75 17.96 13.14
C ASN B 51 0.69 17.62 12.78
N PRO B 52 1.36 18.38 11.89
CA PRO B 52 2.79 18.10 11.62
C PRO B 52 3.69 18.42 12.81
N GLN B 53 3.12 19.05 13.86
CA GLN B 53 3.79 19.44 15.10
C GLN B 53 3.81 18.27 16.12
N CYS B 54 2.87 17.29 15.97
CA CYS B 54 2.79 16.07 16.79
C CYS B 54 3.76 15.07 16.13
N THR B 55 4.91 14.88 16.79
CA THR B 55 6.05 14.12 16.31
C THR B 55 6.48 12.96 17.23
N ALA B 56 7.00 11.88 16.61
CA ALA B 56 7.47 10.68 17.30
C ALA B 56 8.72 10.13 16.62
N ASP B 57 9.75 9.82 17.41
CA ASP B 57 11.00 9.24 16.92
C ASP B 57 10.84 7.73 16.90
N LEU B 58 10.71 7.12 15.72
CA LEU B 58 10.52 5.66 15.60
C LEU B 58 11.77 4.81 15.81
N GLY B 59 12.93 5.34 15.43
CA GLY B 59 14.20 4.65 15.56
C GLY B 59 14.94 5.07 16.81
N ALA B 60 16.09 5.75 16.66
CA ALA B 60 16.92 6.24 17.77
C ALA B 60 16.14 7.20 18.67
N GLN B 61 16.32 7.03 19.99
CA GLN B 61 15.61 7.79 21.00
C GLN B 61 16.38 8.96 21.59
N TYR B 62 17.61 8.71 22.08
CA TYR B 62 18.44 9.76 22.67
C TYR B 62 19.92 9.50 22.41
N ILE B 63 20.76 10.55 22.55
CA ILE B 63 22.20 10.48 22.32
C ILE B 63 22.97 10.36 23.64
N THR B 64 23.52 9.15 23.90
CA THR B 64 24.31 8.81 25.08
C THR B 64 25.77 9.17 24.81
N CYS B 65 26.30 10.12 25.59
CA CYS B 65 27.67 10.58 25.43
C CYS B 65 28.56 10.06 26.55
N THR B 66 29.46 9.12 26.22
CA THR B 66 30.39 8.52 27.19
C THR B 66 31.53 9.50 27.49
N PRO B 67 32.16 9.45 28.70
CA PRO B 67 33.27 10.39 28.99
C PRO B 67 34.47 10.34 28.03
N HIS B 68 34.58 9.29 27.19
CA HIS B 68 35.67 9.18 26.22
C HIS B 68 35.34 9.99 24.97
N TYR B 69 34.11 9.85 24.44
CA TYR B 69 33.67 10.55 23.24
C TYR B 69 33.44 12.05 23.41
N ALA B 70 33.29 12.53 24.66
CA ALA B 70 33.12 13.94 24.98
C ALA B 70 34.40 14.71 24.65
N LYS B 71 35.56 14.04 24.80
CA LYS B 71 36.89 14.57 24.49
C LYS B 71 37.18 14.38 23.00
N LYS B 72 36.95 13.16 22.47
CA LYS B 72 37.21 12.83 21.07
C LYS B 72 36.29 13.57 20.10
N HIS B 73 34.95 13.42 20.23
CA HIS B 73 33.97 14.03 19.34
C HIS B 73 33.40 15.35 19.86
N GLN B 74 34.23 16.09 20.63
CA GLN B 74 33.91 17.38 21.24
C GLN B 74 33.35 18.37 20.22
N ARG B 75 34.08 18.59 19.11
CA ARG B 75 33.71 19.51 18.03
C ARG B 75 32.31 19.26 17.46
N PHE B 76 31.91 17.98 17.35
CA PHE B 76 30.60 17.57 16.85
C PHE B 76 29.49 17.92 17.84
N TYR B 77 29.69 17.58 19.12
CA TYR B 77 28.73 17.85 20.20
C TYR B 77 28.48 19.34 20.40
N ASP B 78 29.56 20.14 20.55
CA ASP B 78 29.46 21.59 20.75
C ASP B 78 28.80 22.33 19.58
N GLU B 79 28.95 21.82 18.35
CA GLU B 79 28.32 22.40 17.17
C GLU B 79 26.80 22.15 17.20
N LEU B 80 26.38 20.90 17.49
CA LEU B 80 24.96 20.53 17.61
C LEU B 80 24.24 21.19 18.80
N LEU B 81 25.00 21.61 19.83
CA LEU B 81 24.47 22.29 21.02
C LEU B 81 24.35 23.80 20.79
N ALA B 82 25.30 24.41 20.04
CA ALA B 82 25.30 25.84 19.67
C ALA B 82 24.11 26.17 18.78
N TYR B 83 23.76 25.28 17.84
CA TYR B 83 22.56 25.40 16.99
C TYR B 83 21.43 24.87 17.90
N GLY B 84 20.15 24.96 17.60
CA GLY B 84 19.21 24.40 18.59
C GLY B 84 18.93 22.92 18.43
N VAL B 85 19.92 22.14 17.91
CA VAL B 85 19.73 20.77 17.48
C VAL B 85 19.64 19.77 18.61
N LEU B 86 20.60 19.83 19.55
CA LEU B 86 20.62 18.98 20.73
C LEU B 86 20.54 19.79 22.01
N ARG B 87 19.94 19.17 23.04
CA ARG B 87 19.75 19.78 24.35
C ARG B 87 19.82 18.67 25.42
N PRO B 88 20.41 18.92 26.62
CA PRO B 88 20.49 17.85 27.63
C PRO B 88 19.15 17.26 28.02
N LEU B 89 19.13 15.95 28.31
CA LEU B 89 17.92 15.26 28.76
C LEU B 89 17.64 15.69 30.20
N SER B 90 16.43 16.23 30.46
CA SER B 90 16.03 16.72 31.79
C SER B 90 14.74 16.07 32.31
N SER B 91 14.30 14.96 31.67
CA SER B 91 13.10 14.18 32.02
C SER B 91 13.49 12.77 32.50
N PRO B 92 12.75 12.14 33.43
CA PRO B 92 13.16 10.81 33.92
C PRO B 92 12.87 9.61 32.99
N ILE B 93 13.84 8.68 32.92
CA ILE B 93 13.72 7.43 32.15
C ILE B 93 14.00 6.21 33.07
N GLU B 94 12.94 5.45 33.41
CA GLU B 94 13.00 4.27 34.28
C GLU B 94 13.77 3.12 33.63
N GLY B 95 14.74 2.57 34.37
CA GLY B 95 15.50 1.39 33.95
C GLY B 95 16.83 1.61 33.25
N MET B 96 17.30 2.87 33.18
CA MET B 96 18.55 3.24 32.49
C MET B 96 19.81 3.00 33.32
N VAL B 97 20.90 2.57 32.65
CA VAL B 97 22.21 2.36 33.28
C VAL B 97 23.17 3.49 32.87
N MET B 98 23.82 4.13 33.86
CA MET B 98 24.71 5.26 33.65
C MET B 98 26.05 5.02 34.35
N GLU B 100 29.69 5.63 34.37
CA GLU B 100 29.75 6.22 35.71
C GLU B 100 29.75 7.76 35.65
N GLY B 101 29.94 8.32 34.45
CA GLY B 101 29.97 9.75 34.20
C GLY B 101 29.37 10.15 32.87
N ASP B 102 28.40 9.36 32.36
CA ASP B 102 27.71 9.56 31.09
C ASP B 102 26.80 10.79 31.10
N CYS B 103 26.49 11.33 29.90
CA CYS B 103 25.59 12.49 29.72
C CYS B 103 24.62 12.23 28.56
N ASN B 104 23.31 12.36 28.84
CA ASN B 104 22.25 12.16 27.84
C ASN B 104 21.79 13.46 27.19
N PHE B 105 21.48 13.39 25.88
CA PHE B 105 21.00 14.50 25.08
C PHE B 105 19.78 14.10 24.28
N VAL B 106 18.90 15.09 23.99
CA VAL B 106 17.68 14.92 23.20
C VAL B 106 17.58 16.01 22.14
N ALA B 107 16.87 15.71 21.05
CA ALA B 107 16.67 16.64 19.93
C ALA B 107 15.26 17.23 20.05
N PRO B 108 15.14 18.49 20.53
CA PRO B 108 13.80 19.08 20.74
C PRO B 108 12.85 19.13 19.55
N GLN B 109 13.37 19.16 18.32
CA GLN B 109 12.52 19.21 17.12
C GLN B 109 12.38 17.83 16.44
N GLY B 110 12.84 16.78 17.11
CA GLY B 110 12.80 15.42 16.60
C GLY B 110 14.18 14.99 16.15
N ILE B 111 14.57 13.75 16.48
CA ILE B 111 15.90 13.21 16.18
C ILE B 111 16.38 13.30 14.70
N SER B 112 15.45 13.36 13.73
CA SER B 112 15.77 13.48 12.31
C SER B 112 16.32 14.87 11.94
N SER B 113 16.18 15.86 12.84
CA SER B 113 16.65 17.24 12.69
C SER B 113 18.18 17.30 12.60
N ILE B 114 18.90 16.31 13.19
CA ILE B 114 20.35 16.22 13.15
C ILE B 114 20.80 16.01 11.72
N ILE B 115 20.23 14.99 11.03
CA ILE B 115 20.51 14.66 9.63
C ILE B 115 20.17 15.85 8.71
N LYS B 116 18.98 16.47 8.90
CA LYS B 116 18.52 17.63 8.14
C LYS B 116 19.50 18.81 8.26
N HIS B 117 20.10 19.00 9.45
CA HIS B 117 21.10 20.01 9.73
C HIS B 117 22.39 19.77 8.94
N TYR B 118 22.90 18.53 8.94
CA TYR B 118 24.11 18.14 8.22
C TYR B 118 23.93 18.18 6.70
N LEU B 119 22.71 17.86 6.21
CA LEU B 119 22.38 17.88 4.78
C LEU B 119 22.39 19.32 4.22
N LYS B 120 21.85 20.28 5.00
CA LYS B 120 21.79 21.70 4.65
C LYS B 120 23.21 22.28 4.64
N GLU B 121 23.99 21.96 5.69
CA GLU B 121 25.38 22.39 5.87
C GLU B 121 26.25 21.98 4.66
N SER B 122 25.98 20.78 4.09
CA SER B 122 26.67 20.26 2.91
C SER B 122 26.02 20.92 1.69
N GLY B 123 26.74 21.31 0.67
CA GLY B 123 26.03 21.89 -0.46
C GLY B 123 25.51 20.79 -1.34
N ALA B 124 24.73 19.83 -0.74
CA ALA B 124 24.31 18.63 -1.50
C ALA B 124 22.93 18.65 -2.11
N GLU B 125 22.82 18.02 -3.28
CA GLU B 125 21.58 17.85 -4.02
C GLU B 125 21.06 16.50 -3.56
N VAL B 126 19.99 16.51 -2.75
CA VAL B 126 19.38 15.32 -2.14
C VAL B 126 18.15 14.84 -2.93
N TYR B 127 18.20 13.57 -3.40
CA TYR B 127 17.12 12.97 -4.18
C TYR B 127 16.51 11.78 -3.47
N PHE B 128 15.19 11.85 -3.21
CA PHE B 128 14.41 10.81 -2.54
C PHE B 128 13.77 9.87 -3.55
N ARG B 129 13.33 8.66 -3.07
CA ARG B 129 12.75 7.60 -3.91
C ARG B 129 13.72 7.27 -5.07
N HIS B 130 15.02 7.13 -4.73
CA HIS B 130 16.15 6.86 -5.61
C HIS B 130 16.91 5.66 -5.03
N ARG B 131 16.43 4.45 -5.36
CA ARG B 131 16.96 3.16 -4.92
C ARG B 131 18.04 2.67 -5.88
N VAL B 132 19.31 2.58 -5.43
CA VAL B 132 20.41 2.07 -6.25
C VAL B 132 20.20 0.57 -6.45
N THR B 133 20.17 0.13 -7.71
CA THR B 133 19.96 -1.27 -8.07
C THR B 133 21.30 -1.91 -8.42
N GLN B 134 22.08 -1.23 -9.29
CA GLN B 134 23.36 -1.68 -9.80
C GLN B 134 24.43 -0.61 -9.81
N ILE B 135 25.69 -1.03 -9.62
CA ILE B 135 26.86 -0.15 -9.72
C ILE B 135 27.84 -0.79 -10.73
N ASN B 136 27.87 -0.24 -11.95
CA ASN B 136 28.72 -0.73 -13.05
C ASN B 136 29.91 0.19 -13.37
N LEU B 137 31.00 -0.40 -13.88
CA LEU B 137 32.23 0.32 -14.21
C LEU B 137 32.41 0.45 -15.72
N ARG B 138 32.30 1.70 -16.22
CA ARG B 138 32.42 2.03 -17.64
C ARG B 138 33.40 3.21 -17.83
N ASP B 139 34.55 2.94 -18.46
CA ASP B 139 35.64 3.88 -18.74
C ASP B 139 36.13 4.73 -17.56
N LYS B 141 35.09 5.29 -14.73
CA LYS B 141 33.98 6.00 -14.10
C LYS B 141 32.85 5.04 -13.73
N TRP B 142 32.02 5.40 -12.74
CA TRP B 142 30.88 4.58 -12.27
C TRP B 142 29.59 4.92 -12.99
N GLU B 143 28.78 3.90 -13.31
CA GLU B 143 27.48 4.03 -13.95
C GLU B 143 26.50 3.45 -12.94
N VAL B 144 25.76 4.32 -12.24
CA VAL B 144 24.83 3.95 -11.18
C VAL B 144 23.38 3.87 -11.71
N SER B 145 22.79 2.67 -11.65
CA SER B 145 21.41 2.40 -12.08
C SER B 145 20.43 2.53 -10.91
N LYS B 146 19.14 2.76 -11.21
CA LYS B 146 18.10 2.89 -10.19
C LYS B 146 16.76 2.27 -10.61
N GLN B 147 15.78 2.26 -9.70
CA GLN B 147 14.47 1.65 -9.91
C GLN B 147 13.62 2.33 -11.02
N THR B 148 13.73 3.67 -11.19
CA THR B 148 12.90 4.44 -12.15
C THR B 148 13.56 4.95 -13.47
N GLY B 149 14.63 4.28 -13.91
CA GLY B 149 15.34 4.60 -15.14
C GLY B 149 16.06 5.94 -15.10
N PRO B 151 20.13 6.35 -15.35
CA PRO B 151 21.45 5.89 -14.94
C PRO B 151 22.32 7.10 -14.91
N GLU B 152 23.27 7.19 -13.99
CA GLU B 152 24.07 8.42 -13.86
C GLU B 152 25.53 8.09 -13.63
N GLN B 153 26.41 9.02 -13.96
CA GLN B 153 27.83 8.76 -13.78
C GLN B 153 28.49 9.62 -12.70
N PHE B 154 29.33 8.98 -11.90
CA PHE B 154 30.01 9.64 -10.80
C PHE B 154 31.47 9.22 -10.70
N ASP B 155 32.28 10.11 -10.14
CA ASP B 155 33.69 9.86 -9.95
C ASP B 155 33.99 9.08 -8.69
N LEU B 156 33.27 9.40 -7.63
CA LEU B 156 33.40 8.73 -6.34
C LEU B 156 32.04 8.31 -5.79
N ILE B 157 32.00 7.16 -5.08
CA ILE B 157 30.81 6.63 -4.40
C ILE B 157 31.13 6.21 -2.97
N VAL B 158 30.25 6.60 -2.04
CA VAL B 158 30.29 6.20 -0.63
C VAL B 158 28.93 5.55 -0.36
N LEU B 159 28.92 4.27 0.06
CA LEU B 159 27.70 3.53 0.38
C LEU B 159 27.59 3.46 1.91
N THR B 160 26.45 3.92 2.46
CA THR B 160 26.24 3.95 3.91
C THR B 160 25.14 3.03 4.41
N MET B 161 24.49 2.28 3.51
CA MET B 161 23.40 1.37 3.87
C MET B 161 23.86 0.13 4.66
N PRO B 162 23.03 -0.44 5.57
CA PRO B 162 23.42 -1.68 6.28
C PRO B 162 24.00 -2.75 5.35
N VAL B 163 25.16 -3.34 5.72
CA VAL B 163 25.91 -4.35 4.95
C VAL B 163 25.09 -5.36 4.11
N PRO B 164 24.03 -6.06 4.61
CA PRO B 164 23.30 -6.99 3.72
C PRO B 164 22.66 -6.33 2.50
N GLU B 165 22.39 -5.02 2.58
CA GLU B 165 21.81 -4.22 1.49
C GLU B 165 22.85 -3.80 0.45
N ILE B 166 24.15 -3.77 0.85
CA ILE B 166 25.27 -3.49 -0.07
C ILE B 166 25.47 -4.78 -0.89
N LEU B 167 25.35 -5.94 -0.23
CA LEU B 167 25.50 -7.28 -0.82
C LEU B 167 24.36 -7.65 -1.78
N GLN B 168 23.19 -6.97 -1.69
CA GLN B 168 22.06 -7.23 -2.58
C GLN B 168 22.23 -6.57 -3.97
N LEU B 169 23.08 -5.52 -4.05
CA LEU B 169 23.35 -4.77 -5.28
C LEU B 169 23.99 -5.64 -6.35
N GLN B 170 23.50 -5.49 -7.60
CA GLN B 170 24.00 -6.25 -8.74
C GLN B 170 24.97 -5.43 -9.59
N GLY B 171 25.65 -6.08 -10.52
CA GLY B 171 26.62 -5.42 -11.39
C GLY B 171 28.05 -5.70 -11.03
N ASP B 172 28.96 -4.84 -11.49
CA ASP B 172 30.41 -4.96 -11.30
C ASP B 172 30.94 -5.00 -9.85
N ILE B 173 30.21 -4.42 -8.84
CA ILE B 173 30.64 -4.44 -7.41
C ILE B 173 30.89 -5.86 -6.98
N THR B 174 29.97 -6.79 -7.33
CA THR B 174 30.00 -8.23 -7.11
C THR B 174 31.39 -8.80 -7.45
N THR B 175 32.00 -8.29 -8.52
CA THR B 175 33.33 -8.66 -9.02
C THR B 175 34.42 -7.95 -8.19
N LEU B 176 34.21 -6.68 -7.85
CA LEU B 176 35.16 -5.83 -7.10
C LEU B 176 35.38 -6.22 -5.66
N ILE B 177 34.45 -6.99 -5.08
CA ILE B 177 34.53 -7.50 -3.70
C ILE B 177 35.34 -8.81 -3.75
N SER B 178 36.50 -8.82 -3.07
CA SER B 178 37.35 -10.01 -3.00
C SER B 178 36.73 -11.04 -2.06
N GLU B 179 37.03 -12.34 -2.26
CA GLU B 179 36.49 -13.42 -1.45
C GLU B 179 36.62 -13.17 0.06
N CYS B 180 37.80 -12.69 0.50
CA CYS B 180 38.09 -12.36 1.91
C CYS B 180 37.19 -11.22 2.42
N GLN B 181 37.02 -10.16 1.60
CA GLN B 181 36.17 -9.01 1.92
C GLN B 181 34.72 -9.44 2.04
N ARG B 182 34.25 -10.30 1.11
CA ARG B 182 32.90 -10.85 1.08
C ARG B 182 32.59 -11.63 2.35
N GLN B 183 33.57 -12.44 2.83
CA GLN B 183 33.46 -13.26 4.04
C GLN B 183 33.33 -12.38 5.29
N GLN B 184 34.06 -11.24 5.31
CA GLN B 184 34.04 -10.26 6.41
C GLN B 184 32.68 -9.56 6.48
N LEU B 185 32.14 -9.16 5.31
CA LEU B 185 30.82 -8.51 5.19
C LEU B 185 29.68 -9.45 5.57
N GLU B 186 29.80 -10.75 5.26
CA GLU B 186 28.82 -11.78 5.57
C GLU B 186 28.74 -12.07 7.06
N ALA B 187 29.84 -11.80 7.79
CA ALA B 187 29.93 -11.99 9.25
C ALA B 187 29.13 -10.91 10.00
N VAL B 188 28.84 -9.78 9.33
CA VAL B 188 28.09 -8.65 9.87
C VAL B 188 26.63 -9.05 10.05
N SER B 189 26.09 -8.93 11.27
CA SER B 189 24.71 -9.27 11.57
C SER B 189 23.97 -8.18 12.35
N TYR B 190 22.68 -8.00 12.06
CA TYR B 190 21.79 -7.02 12.67
C TYR B 190 20.57 -7.68 13.35
N SER B 191 20.09 -7.11 14.45
CA SER B 191 18.89 -7.60 15.11
C SER B 191 17.66 -6.98 14.41
N SER B 192 16.45 -7.50 14.67
CA SER B 192 15.22 -6.98 14.07
C SER B 192 14.27 -6.54 15.17
N ARG B 193 13.54 -5.45 14.95
CA ARG B 193 12.57 -4.90 15.90
C ARG B 193 11.41 -4.24 15.15
N TYR B 194 10.30 -4.01 15.86
CA TYR B 194 9.12 -3.32 15.35
C TYR B 194 8.95 -2.06 16.21
N ALA B 195 8.65 -0.93 15.57
CA ALA B 195 8.42 0.34 16.23
C ALA B 195 6.95 0.72 16.05
N LEU B 196 6.32 1.25 17.10
CA LEU B 196 4.93 1.66 17.08
C LEU B 196 4.82 3.07 17.59
N GLY B 197 4.43 3.99 16.72
CA GLY B 197 4.20 5.39 17.04
C GLY B 197 2.71 5.64 17.16
N LEU B 198 2.27 6.20 18.31
CA LEU B 198 0.86 6.49 18.60
C LEU B 198 0.65 7.96 18.86
N PHE B 199 -0.32 8.57 18.17
CA PHE B 199 -0.61 10.01 18.27
C PHE B 199 -1.95 10.31 18.93
N TYR B 200 -1.94 11.27 19.85
CA TYR B 200 -3.13 11.69 20.60
C TYR B 200 -3.34 13.19 20.47
N ALA B 202 -5.85 15.61 20.31
CA ALA B 202 -5.08 15.86 21.52
C ALA B 202 -5.68 15.15 22.75
N GLY B 203 -5.04 14.03 23.13
CA GLY B 203 -5.42 13.20 24.26
C GLY B 203 -5.36 13.94 25.59
N THR B 204 -4.19 14.56 25.87
CA THR B 204 -3.91 15.39 27.06
C THR B 204 -4.13 14.61 28.38
N LYS B 205 -3.94 13.27 28.36
CA LYS B 205 -4.17 12.44 29.54
C LYS B 205 -3.27 11.21 29.63
N ILE B 206 -1.99 11.41 29.99
CA ILE B 206 -1.02 10.33 30.23
C ILE B 206 -0.50 10.52 31.66
N ASP B 207 -0.97 9.67 32.60
CA ASP B 207 -0.65 9.79 34.02
C ASP B 207 0.46 8.86 34.55
N VAL B 208 1.72 9.09 34.12
CA VAL B 208 2.87 8.35 34.60
C VAL B 208 4.01 9.32 34.95
N PRO B 209 4.78 9.12 36.06
CA PRO B 209 5.84 10.09 36.40
C PRO B 209 6.99 10.16 35.41
N TRP B 210 7.42 9.02 34.85
CA TRP B 210 8.51 8.91 33.89
C TRP B 210 8.16 9.42 32.46
N ALA B 211 9.18 9.57 31.60
CA ALA B 211 9.04 9.98 30.19
C ALA B 211 9.41 8.81 29.26
N GLY B 212 10.30 7.94 29.75
CA GLY B 212 10.76 6.72 29.08
C GLY B 212 10.82 5.57 30.07
N GLN B 213 10.68 4.31 29.58
CA GLN B 213 10.75 3.12 30.45
C GLN B 213 11.26 1.88 29.76
N TYR B 214 12.32 1.29 30.33
CA TYR B 214 12.90 0.04 29.86
C TYR B 214 12.20 -1.12 30.55
N ILE B 215 11.72 -2.10 29.77
CA ILE B 215 11.01 -3.29 30.27
C ILE B 215 11.80 -4.55 29.90
N THR B 216 12.05 -5.43 30.89
CA THR B 216 12.80 -6.69 30.72
C THR B 216 11.92 -7.93 30.97
N SER B 217 10.79 -7.73 31.68
CA SER B 217 9.85 -8.78 32.06
C SER B 217 8.71 -9.05 31.05
N ASN B 218 8.62 -8.28 29.96
CA ASN B 218 7.55 -8.44 28.97
C ASN B 218 7.97 -9.27 27.71
N PRO B 219 7.12 -10.19 27.19
CA PRO B 219 7.52 -10.97 26.01
C PRO B 219 7.52 -10.22 24.67
N CYS B 220 6.77 -9.09 24.57
CA CYS B 220 6.63 -8.35 23.33
C CYS B 220 7.21 -6.93 23.30
N ILE B 221 7.10 -6.17 24.41
CA ILE B 221 7.58 -4.79 24.54
C ILE B 221 8.92 -4.72 25.31
N ARG B 222 9.85 -3.88 24.85
CA ARG B 222 11.18 -3.70 25.44
C ARG B 222 11.35 -2.30 26.01
N PHE B 223 10.75 -1.30 25.34
CA PHE B 223 10.84 0.10 25.72
C PHE B 223 9.62 0.93 25.29
N VAL B 224 9.15 1.81 26.17
CA VAL B 224 8.00 2.71 25.98
C VAL B 224 8.48 4.15 26.24
N SER B 225 8.13 5.09 25.36
CA SER B 225 8.52 6.48 25.53
C SER B 225 7.36 7.44 25.28
N ILE B 226 7.28 8.50 26.10
CA ILE B 226 6.33 9.59 25.92
C ILE B 226 7.20 10.67 25.25
N ASP B 227 7.33 10.60 23.91
CA ASP B 227 8.18 11.46 23.06
C ASP B 227 8.06 12.95 23.38
N ASN B 228 6.81 13.34 23.65
CA ASN B 228 6.32 14.65 24.08
C ASN B 228 7.08 15.13 25.33
N LYS B 229 7.05 14.32 26.42
CA LYS B 229 7.72 14.58 27.71
C LYS B 229 9.24 14.50 27.65
N LYS B 230 9.79 13.56 26.84
CA LYS B 230 11.21 13.29 26.65
C LYS B 230 11.92 14.52 26.05
N ARG B 231 11.33 15.14 25.02
CA ARG B 231 11.87 16.32 24.33
C ARG B 231 11.52 17.60 25.11
N ASN B 232 10.63 17.46 26.10
CA ASN B 232 10.13 18.52 26.96
C ASN B 232 9.42 19.64 26.16
N ILE B 233 8.34 19.24 25.45
CA ILE B 233 7.45 20.14 24.70
C ILE B 233 6.48 20.68 25.74
N GLU B 234 6.51 22.00 25.93
CA GLU B 234 5.70 22.72 26.91
C GLU B 234 4.22 22.82 26.51
N SER B 235 3.93 22.97 25.21
CA SER B 235 2.57 23.08 24.67
C SER B 235 1.83 21.75 24.69
N ILE B 238 0.27 20.87 20.98
CA ILE B 238 0.37 19.52 20.47
C ILE B 238 -0.01 18.45 21.50
N GLY B 239 -0.69 17.41 21.02
CA GLY B 239 -1.12 16.29 21.85
C GLY B 239 0.01 15.31 22.15
N PRO B 240 -0.14 14.46 23.18
CA PRO B 240 0.93 13.50 23.51
C PRO B 240 1.27 12.50 22.40
N SER B 241 2.47 11.93 22.48
CA SER B 241 2.96 10.96 21.51
C SER B 241 3.66 9.81 22.23
N LEU B 242 3.28 8.59 21.86
CA LEU B 242 3.81 7.36 22.45
C LEU B 242 4.61 6.54 21.45
N VAL B 243 5.83 6.14 21.84
CA VAL B 243 6.71 5.29 21.03
C VAL B 243 6.97 3.96 21.77
N ILE B 244 6.74 2.83 21.08
CA ILE B 244 6.99 1.50 21.63
C ILE B 244 8.04 0.78 20.75
N HIS B 245 9.08 0.21 21.38
CA HIS B 245 10.11 -0.58 20.72
C HIS B 245 9.93 -2.01 21.18
N THR B 246 9.75 -2.95 20.23
CA THR B 246 9.55 -4.36 20.57
C THR B 246 10.87 -5.02 20.93
N THR B 247 10.78 -6.27 21.37
CA THR B 247 11.94 -7.09 21.68
C THR B 247 12.49 -7.68 20.37
N VAL B 248 13.70 -8.25 20.41
CA VAL B 248 14.31 -8.89 19.24
C VAL B 248 13.56 -10.20 18.89
N PRO B 249 13.29 -11.14 19.84
CA PRO B 249 12.52 -12.34 19.48
C PRO B 249 11.16 -12.05 18.84
N PHE B 250 10.44 -11.00 19.29
CA PHE B 250 9.16 -10.61 18.67
C PHE B 250 9.39 -10.10 17.23
N GLY B 251 10.46 -9.32 17.05
CA GLY B 251 10.86 -8.74 15.76
C GLY B 251 11.24 -9.78 14.73
N VAL B 252 11.96 -10.84 15.14
CA VAL B 252 12.40 -11.94 14.27
C VAL B 252 11.20 -12.83 13.89
N THR B 253 10.32 -13.14 14.86
CA THR B 253 9.15 -13.99 14.69
C THR B 253 8.11 -13.39 13.72
N TYR B 254 7.96 -12.07 13.74
CA TYR B 254 6.96 -11.35 12.94
C TYR B 254 7.50 -10.53 11.76
N LEU B 255 8.74 -10.80 11.31
CA LEU B 255 9.34 -10.09 10.16
C LEU B 255 8.51 -10.17 8.89
N GLU B 256 7.95 -11.35 8.58
CA GLU B 256 7.16 -11.57 7.36
C GLU B 256 5.65 -11.56 7.56
N HIS B 257 5.19 -11.10 8.74
CA HIS B 257 3.78 -11.01 9.12
C HIS B 257 3.15 -9.68 8.71
N SER B 258 1.81 -9.65 8.63
CA SER B 258 1.00 -8.47 8.30
C SER B 258 1.19 -7.34 9.32
N ILE B 259 1.47 -6.11 8.85
CA ILE B 259 1.66 -4.91 9.66
C ILE B 259 0.44 -4.65 10.56
N GLU B 260 -0.78 -4.89 10.04
CA GLU B 260 -2.01 -4.72 10.83
C GLU B 260 -2.08 -5.75 11.96
N ASP B 261 -1.65 -7.00 11.67
CA ASP B 261 -1.63 -8.11 12.63
C ASP B 261 -0.66 -7.79 13.76
N VAL B 262 0.56 -7.33 13.41
CA VAL B 262 1.64 -6.94 14.33
C VAL B 262 1.18 -5.78 15.24
N GLN B 263 0.50 -4.79 14.64
CA GLN B 263 -0.05 -3.62 15.34
C GLN B 263 -1.00 -4.04 16.45
N GLU B 264 -1.87 -5.03 16.19
CA GLU B 264 -2.84 -5.56 17.15
C GLU B 264 -2.21 -6.35 18.29
N LEU B 265 -1.03 -6.97 18.04
CA LEU B 265 -0.29 -7.73 19.04
C LEU B 265 0.34 -6.79 20.07
N VAL B 266 0.96 -5.69 19.59
CA VAL B 266 1.61 -4.65 20.41
C VAL B 266 0.56 -3.84 21.19
N PHE B 267 -0.55 -3.51 20.57
CA PHE B 267 -1.57 -2.70 21.18
C PHE B 267 -2.12 -3.34 22.43
N GLN B 268 -2.41 -4.62 22.34
CA GLN B 268 -2.85 -5.41 23.46
C GLN B 268 -1.80 -5.61 24.52
N GLN B 269 -0.55 -5.76 24.14
CA GLN B 269 0.50 -5.83 25.11
C GLN B 269 0.57 -4.52 25.85
N LEU B 270 0.24 -3.41 25.19
CA LEU B 270 0.37 -2.09 25.82
C LEU B 270 -0.65 -1.95 26.96
N GLU B 271 -1.82 -2.62 26.85
CA GLU B 271 -2.85 -2.60 27.88
C GLU B 271 -2.41 -3.30 29.19
N ASN B 272 -1.52 -4.30 29.11
CA ASN B 272 -0.99 -4.99 30.28
C ASN B 272 0.06 -4.14 31.00
N ILE B 273 0.96 -3.48 30.24
CA ILE B 273 2.01 -2.60 30.75
C ILE B 273 1.41 -1.32 31.36
N LEU B 274 0.56 -0.60 30.59
CA LEU B 274 -0.08 0.60 31.10
C LEU B 274 -1.59 0.73 30.78
N PRO B 275 -2.47 0.21 31.67
CA PRO B 275 -3.92 0.31 31.45
C PRO B 275 -4.49 1.67 31.82
N GLY B 276 -5.50 2.10 31.07
CA GLY B 276 -6.15 3.38 31.29
C GLY B 276 -5.70 4.45 30.31
N LEU B 277 -5.54 4.08 29.04
CA LEU B 277 -5.14 5.00 27.97
C LEU B 277 -6.27 5.14 26.95
N PRO B 278 -6.53 6.35 26.42
CA PRO B 278 -7.59 6.50 25.41
C PRO B 278 -7.17 5.93 24.05
N GLN B 279 -8.14 5.70 23.16
CA GLN B 279 -7.87 5.16 21.82
C GLN B 279 -7.13 6.22 20.98
N PRO B 280 -5.99 5.87 20.33
CA PRO B 280 -5.23 6.89 19.57
C PRO B 280 -5.91 7.37 18.30
N ILE B 281 -5.59 8.62 17.92
CA ILE B 281 -6.10 9.27 16.71
C ILE B 281 -5.39 8.65 15.50
N ALA B 282 -4.05 8.55 15.58
CA ALA B 282 -3.22 8.03 14.51
C ALA B 282 -2.18 7.04 15.03
N THR B 283 -1.79 6.09 14.15
CA THR B 283 -0.80 5.05 14.41
C THR B 283 0.19 4.99 13.25
N LYS B 284 1.46 4.65 13.55
CA LYS B 284 2.53 4.47 12.57
C LYS B 284 3.40 3.30 12.99
N CYS B 285 3.30 2.19 12.25
CA CYS B 285 4.09 0.99 12.54
C CYS B 285 5.26 0.89 11.57
N GLN B 286 6.48 0.86 12.13
CA GLN B 286 7.72 0.80 11.35
C GLN B 286 8.56 -0.43 11.67
N LYS B 287 8.81 -1.23 10.65
CA LYS B 287 9.58 -2.46 10.68
C LYS B 287 11.06 -2.15 10.50
N TRP B 288 11.88 -2.51 11.50
CA TRP B 288 13.34 -2.34 11.43
C TRP B 288 13.97 -3.72 11.21
N ARG B 289 14.05 -4.16 9.92
CA ARG B 289 14.63 -5.45 9.53
CA ARG B 289 14.64 -5.44 9.50
C ARG B 289 16.10 -5.52 9.96
N HIS B 290 16.80 -4.35 9.96
CA HIS B 290 18.19 -4.23 10.37
C HIS B 290 18.27 -3.17 11.47
N SER B 291 17.78 -3.50 12.68
CA SER B 291 17.75 -2.54 13.78
C SER B 291 19.11 -2.12 14.33
N GLN B 292 19.86 -3.02 14.98
CA GLN B 292 21.18 -2.73 15.57
C GLN B 292 22.19 -3.84 15.34
N VAL B 293 23.46 -3.46 15.17
CA VAL B 293 24.57 -4.38 14.90
C VAL B 293 24.84 -5.24 16.13
N THR B 294 24.68 -6.56 15.99
CA THR B 294 24.92 -7.52 17.07
C THR B 294 26.38 -7.98 17.02
N ASN B 295 26.76 -8.50 15.86
CA ASN B 295 28.15 -8.64 15.45
C ASN B 295 28.64 -7.75 14.30
N ALA B 296 29.66 -6.96 14.59
CA ALA B 296 30.23 -6.02 13.67
C ALA B 296 31.23 -6.70 12.76
N ALA B 297 32.07 -5.93 12.12
CA ALA B 297 32.97 -6.48 11.14
C ALA B 297 34.43 -6.35 11.48
N ALA B 298 35.22 -7.31 11.04
CA ALA B 298 36.67 -7.23 11.08
C ALA B 298 37.18 -6.95 12.48
N ASN B 299 38.00 -5.92 12.62
CA ASN B 299 38.45 -5.46 13.91
C ASN B 299 37.69 -4.18 14.20
N PRO B 301 36.78 -1.44 11.20
CA PRO B 301 37.87 -0.51 10.99
C PRO B 301 37.33 0.86 10.69
N GLY B 302 36.02 0.96 10.73
CA GLY B 302 35.31 2.19 10.49
C GLY B 302 34.89 2.31 9.05
N GLN B 303 35.64 1.70 8.13
CA GLN B 303 35.28 1.69 6.71
C GLN B 303 35.96 0.56 5.90
N MET B 304 35.44 0.29 4.69
CA MET B 304 36.04 -0.68 3.77
C MET B 304 36.08 -0.14 2.33
N THR B 305 37.30 0.09 1.82
CA THR B 305 37.51 0.57 0.45
C THR B 305 37.56 -0.65 -0.45
N LEU B 306 36.83 -0.62 -1.55
CA LEU B 306 36.86 -1.76 -2.47
C LEU B 306 37.49 -1.49 -3.85
N HIS B 307 37.91 -0.24 -4.11
CA HIS B 307 38.67 0.28 -5.25
C HIS B 307 39.04 1.75 -5.13
N HIS B 308 40.22 2.11 -5.64
CA HIS B 308 40.77 3.45 -5.54
C HIS B 308 40.52 4.35 -6.73
N LYS B 309 40.84 3.90 -7.97
CA LYS B 309 40.60 4.70 -9.18
C LYS B 309 39.68 4.02 -10.22
N PRO B 310 38.36 4.35 -10.26
CA PRO B 310 37.63 5.31 -9.42
C PRO B 310 37.31 4.80 -8.00
N PHE B 311 37.07 5.73 -7.06
CA PHE B 311 36.85 5.45 -5.64
C PHE B 311 35.47 4.92 -5.25
N LEU B 312 35.48 3.87 -4.40
CA LEU B 312 34.29 3.24 -3.84
C LEU B 312 34.59 2.67 -2.47
N ALA B 313 33.83 3.13 -1.46
CA ALA B 313 33.99 2.67 -0.08
C ALA B 313 32.65 2.51 0.58
N CYS B 314 32.59 1.57 1.55
CA CYS B 314 31.40 1.33 2.36
C CYS B 314 31.65 1.88 3.75
N GLY B 315 30.66 2.56 4.29
CA GLY B 315 30.68 3.10 5.64
C GLY B 315 29.42 2.73 6.38
N GLY B 316 29.29 3.21 7.62
CA GLY B 316 28.10 2.95 8.43
C GLY B 316 28.37 2.20 9.71
N ASP B 317 27.29 1.93 10.46
CA ASP B 317 27.34 1.27 11.77
C ASP B 317 27.81 -0.19 11.80
N GLY B 318 27.69 -0.91 10.67
CA GLY B 318 28.16 -2.30 10.55
C GLY B 318 29.65 -2.45 10.72
N PHE B 319 30.37 -1.33 10.59
CA PHE B 319 31.82 -1.20 10.69
C PHE B 319 32.29 -0.63 12.03
N THR B 320 31.36 -0.03 12.79
CA THR B 320 31.65 0.57 14.10
C THR B 320 30.70 0.00 15.16
N GLN B 321 29.65 0.76 15.52
CA GLN B 321 28.64 0.43 16.52
C GLN B 321 27.35 1.14 16.17
N SER B 322 26.21 0.54 16.54
CA SER B 322 24.88 1.09 16.27
C SER B 322 24.54 2.17 17.31
N ASN B 323 25.29 3.30 17.21
CA ASN B 323 25.32 4.46 18.08
C ASN B 323 25.60 5.74 17.25
N PHE B 324 25.31 6.93 17.81
CA PHE B 324 25.61 8.23 17.18
C PHE B 324 27.12 8.43 17.04
N ASP B 325 27.90 7.99 18.06
CA ASP B 325 29.36 8.11 18.03
C ASP B 325 30.02 7.11 17.09
N GLY B 326 29.34 6.00 16.82
CA GLY B 326 29.76 4.97 15.87
C GLY B 326 29.69 5.49 14.45
N CYS B 327 28.60 6.23 14.13
CA CYS B 327 28.39 6.88 12.82
C CYS B 327 29.40 7.99 12.60
N ILE B 328 29.79 8.72 13.66
CA ILE B 328 30.81 9.77 13.59
C ILE B 328 32.16 9.14 13.21
N THR B 329 32.59 8.10 13.97
CA THR B 329 33.85 7.38 13.73
C THR B 329 33.90 6.77 12.33
N SER B 330 32.79 6.17 11.87
CA SER B 330 32.68 5.59 10.52
C SER B 330 32.81 6.67 9.43
N ALA B 331 32.19 7.86 9.63
CA ALA B 331 32.26 8.98 8.69
C ALA B 331 33.67 9.58 8.61
N LEU B 332 34.36 9.71 9.76
CA LEU B 332 35.73 10.22 9.84
C LEU B 332 36.73 9.28 9.16
N CYS B 333 36.48 7.95 9.27
CA CYS B 333 37.30 6.90 8.67
C CYS B 333 37.20 6.90 7.14
N VAL B 334 35.99 7.13 6.61
CA VAL B 334 35.73 7.21 5.16
C VAL B 334 36.45 8.44 4.60
N LEU B 335 36.37 9.58 5.32
CA LEU B 335 37.01 10.84 4.91
C LEU B 335 38.54 10.76 4.85
N GLU B 336 39.17 10.01 5.76
CA GLU B 336 40.63 9.82 5.78
C GLU B 336 41.07 8.89 4.63
N ALA B 337 40.15 8.02 4.17
CA ALA B 337 40.41 7.11 3.05
C ALA B 337 40.40 7.90 1.72
N LEU B 338 39.49 8.90 1.60
CA LEU B 338 39.27 9.78 0.45
C LEU B 338 40.43 10.77 0.22
N LYS B 339 40.75 11.62 1.24
CA LYS B 339 41.75 12.71 1.23
C LYS B 339 42.89 12.66 0.19
N ASN B 340 43.72 11.61 0.23
CA ASN B 340 44.83 11.44 -0.71
C ASN B 340 44.37 10.86 -2.06
N TYR B 341 43.39 11.53 -2.71
CA TYR B 341 42.76 11.17 -3.99
C TYR B 341 42.07 9.81 -3.92
#